data_9BV4
#
_entry.id   9BV4
#
_entity_poly.entity_id   1
_entity_poly.type   'polypeptide(L)'
_entity_poly.pdbx_seq_one_letter_code
;LPRCDSPFCSLFRIGLCGDKCTCVPLPIFGLCVPDV
;
_entity_poly.pdbx_strand_id   A
#
# COMPACT_ATOMS: atom_id res chain seq x y z
N LEU A 1 -10.42 -9.13 7.07
CA LEU A 1 -9.50 -8.27 7.80
C LEU A 1 -9.88 -6.80 7.63
N PRO A 2 -9.40 -5.96 8.56
CA PRO A 2 -9.68 -4.52 8.53
C PRO A 2 -8.96 -3.81 7.39
N ARG A 3 -9.32 -2.56 7.15
CA ARG A 3 -8.71 -1.78 6.08
C ARG A 3 -7.19 -1.80 6.19
N CYS A 4 -6.52 -1.42 5.11
CA CYS A 4 -5.07 -1.40 5.08
C CYS A 4 -4.51 -0.37 6.07
N ASP A 5 -3.19 -0.33 6.20
CA ASP A 5 -2.55 0.59 7.11
C ASP A 5 -2.75 2.03 6.66
N SER A 6 -2.28 2.34 5.46
CA SER A 6 -2.40 3.69 4.91
C SER A 6 -3.34 3.70 3.71
N PRO A 7 -3.86 4.89 3.37
CA PRO A 7 -4.78 5.07 2.25
C PRO A 7 -4.11 4.87 0.90
N PHE A 8 -2.91 5.44 0.75
CA PHE A 8 -2.15 5.32 -0.49
C PHE A 8 -0.66 5.43 -0.22
N CYS A 9 0.14 5.28 -1.28
CA CYS A 9 1.59 5.36 -1.16
C CYS A 9 2.23 5.53 -2.53
N SER A 10 3.54 5.80 -2.54
CA SER A 10 4.28 5.98 -3.78
C SER A 10 5.10 4.74 -4.13
N LEU A 11 5.44 4.59 -5.39
CA LEU A 11 6.22 3.45 -5.85
C LEU A 11 7.49 3.30 -5.03
N PHE A 12 8.09 4.42 -4.65
CA PHE A 12 9.32 4.41 -3.86
C PHE A 12 8.99 4.34 -2.36
N ARG A 13 7.89 4.98 -1.98
CA ARG A 13 7.47 4.99 -0.58
C ARG A 13 6.63 3.77 -0.25
N ILE A 14 7.24 2.59 -0.32
CA ILE A 14 6.54 1.35 -0.04
C ILE A 14 6.49 1.09 1.47
N GLY A 15 7.54 1.49 2.17
CA GLY A 15 7.59 1.29 3.61
C GLY A 15 6.36 1.83 4.31
N LEU A 16 5.81 2.91 3.78
CA LEU A 16 4.62 3.53 4.36
C LEU A 16 3.45 2.56 4.38
N CYS A 17 3.20 1.93 3.24
CA CYS A 17 2.10 0.96 3.13
C CYS A 17 2.63 -0.46 3.23
N GLY A 18 3.23 -0.78 4.37
CA GLY A 18 3.77 -2.12 4.59
C GLY A 18 3.48 -2.64 5.98
N ASP A 19 2.37 -2.19 6.57
CA ASP A 19 1.99 -2.62 7.90
C ASP A 19 0.93 -3.71 7.83
N LYS A 20 -0.02 -3.55 6.93
CA LYS A 20 -1.10 -4.52 6.75
C LYS A 20 -1.20 -4.99 5.30
N CYS A 21 -0.92 -4.08 4.38
CA CYS A 21 -0.97 -4.39 2.96
C CYS A 21 0.33 -4.01 2.27
N THR A 22 0.41 -4.27 0.96
CA THR A 22 1.60 -3.96 0.18
C THR A 22 1.35 -2.77 -0.74
N CYS A 23 2.38 -1.94 -0.92
CA CYS A 23 2.28 -0.77 -1.78
C CYS A 23 2.15 -1.19 -3.25
N VAL A 24 1.40 -0.40 -4.01
CA VAL A 24 1.20 -0.69 -5.43
C VAL A 24 2.23 0.05 -6.28
N PRO A 25 2.53 -0.52 -7.47
CA PRO A 25 3.49 0.07 -8.40
C PRO A 25 2.98 1.35 -9.04
N LEU A 26 1.66 1.46 -9.16
CA LEU A 26 1.05 2.65 -9.75
C LEU A 26 1.55 3.92 -9.08
N PRO A 27 2.25 4.76 -9.85
CA PRO A 27 2.80 6.02 -9.35
C PRO A 27 1.71 7.05 -9.05
N ILE A 28 0.48 6.71 -9.38
CA ILE A 28 -0.65 7.59 -9.15
C ILE A 28 -1.27 7.34 -7.78
N PHE A 29 -0.47 6.83 -6.86
CA PHE A 29 -0.94 6.54 -5.51
C PHE A 29 -2.07 5.51 -5.54
N GLY A 30 -1.83 4.41 -6.24
CA GLY A 30 -2.83 3.36 -6.34
C GLY A 30 -3.28 2.87 -4.98
N LEU A 31 -4.18 1.89 -4.97
CA LEU A 31 -4.70 1.32 -3.73
C LEU A 31 -3.96 0.05 -3.37
N CYS A 32 -3.41 0.01 -2.16
CA CYS A 32 -2.68 -1.16 -1.68
C CYS A 32 -3.55 -2.41 -1.73
N VAL A 33 -2.91 -3.56 -1.89
CA VAL A 33 -3.63 -4.83 -1.95
C VAL A 33 -3.41 -5.65 -0.68
N PRO A 34 -4.50 -6.18 -0.13
CA PRO A 34 -4.46 -6.99 1.09
C PRO A 34 -3.80 -8.35 0.86
N ASP A 35 -2.57 -8.50 1.37
CA ASP A 35 -1.83 -9.74 1.22
C ASP A 35 -2.27 -10.76 2.26
N VAL A 36 -2.98 -11.79 1.81
CA VAL A 36 -3.47 -12.84 2.70
C VAL A 36 -2.49 -14.00 2.76
N LEU A 1 -12.85 -7.45 6.51
CA LEU A 1 -11.55 -7.21 7.13
C LEU A 1 -11.25 -5.71 7.20
N PRO A 2 -10.32 -5.34 8.09
CA PRO A 2 -9.92 -3.94 8.27
C PRO A 2 -9.13 -3.40 7.08
N ARG A 3 -8.99 -2.09 7.02
CA ARG A 3 -8.25 -1.45 5.93
C ARG A 3 -6.75 -1.53 6.17
N CYS A 4 -5.97 -1.30 5.12
CA CYS A 4 -4.51 -1.35 5.21
C CYS A 4 -4.01 -0.33 6.23
N ASP A 5 -2.68 -0.26 6.38
CA ASP A 5 -2.07 0.67 7.32
C ASP A 5 -2.28 2.11 6.87
N SER A 6 -1.75 2.44 5.69
CA SER A 6 -1.87 3.79 5.16
C SER A 6 -2.86 3.81 3.98
N PRO A 7 -3.36 5.02 3.66
CA PRO A 7 -4.32 5.20 2.56
C PRO A 7 -3.66 5.00 1.20
N PHE A 8 -2.50 5.61 1.00
CA PHE A 8 -1.78 5.50 -0.26
C PHE A 8 -0.28 5.48 -0.02
N CYS A 9 0.49 5.31 -1.10
CA CYS A 9 1.94 5.26 -1.02
C CYS A 9 2.57 5.41 -2.40
N SER A 10 3.89 5.54 -2.43
CA SER A 10 4.61 5.69 -3.68
C SER A 10 5.56 4.52 -3.91
N LEU A 11 5.99 4.34 -5.16
CA LEU A 11 6.89 3.25 -5.51
C LEU A 11 8.13 3.26 -4.62
N PHE A 12 8.58 4.45 -4.26
CA PHE A 12 9.75 4.60 -3.40
C PHE A 12 9.36 4.52 -1.93
N ARG A 13 8.18 5.04 -1.61
CA ARG A 13 7.69 5.04 -0.24
C ARG A 13 6.90 3.76 0.05
N ILE A 14 7.48 2.62 -0.28
CA ILE A 14 6.83 1.33 -0.06
C ILE A 14 6.80 0.99 1.43
N GLY A 15 7.85 1.37 2.15
CA GLY A 15 7.92 1.10 3.57
C GLY A 15 6.73 1.66 4.32
N LEU A 16 6.21 2.79 3.86
CA LEU A 16 5.07 3.43 4.50
C LEU A 16 3.89 2.49 4.57
N CYS A 17 3.57 1.86 3.44
CA CYS A 17 2.45 0.92 3.37
C CYS A 17 2.95 -0.52 3.45
N GLY A 18 3.54 -0.87 4.59
CA GLY A 18 4.05 -2.22 4.78
C GLY A 18 3.72 -2.77 6.15
N ASP A 19 2.60 -2.34 6.71
CA ASP A 19 2.18 -2.79 8.03
C ASP A 19 1.13 -3.89 7.92
N LYS A 20 0.20 -3.71 6.99
CA LYS A 20 -0.88 -4.68 6.78
C LYS A 20 -0.91 -5.13 5.32
N CYS A 21 -0.60 -4.21 4.41
CA CYS A 21 -0.60 -4.52 2.98
C CYS A 21 0.71 -4.09 2.33
N THR A 22 0.83 -4.33 1.03
CA THR A 22 2.03 -3.97 0.29
C THR A 22 1.76 -2.83 -0.68
N CYS A 23 2.76 -1.99 -0.91
CA CYS A 23 2.62 -0.87 -1.83
C CYS A 23 2.47 -1.35 -3.27
N VAL A 24 1.72 -0.59 -4.07
CA VAL A 24 1.51 -0.94 -5.47
C VAL A 24 2.40 -0.11 -6.39
N PRO A 25 2.69 -0.65 -7.58
CA PRO A 25 3.52 0.03 -8.57
C PRO A 25 2.83 1.24 -9.18
N LEU A 26 1.52 1.31 -9.02
CA LEU A 26 0.75 2.43 -9.55
C LEU A 26 1.35 3.76 -9.14
N PRO A 27 1.84 4.52 -10.14
CA PRO A 27 2.45 5.83 -9.89
C PRO A 27 1.43 6.88 -9.46
N ILE A 28 0.15 6.57 -9.65
CA ILE A 28 -0.92 7.48 -9.28
C ILE A 28 -1.41 7.21 -7.86
N PHE A 29 -0.52 6.68 -7.04
CA PHE A 29 -0.85 6.37 -5.65
C PHE A 29 -1.92 5.27 -5.58
N GLY A 30 -1.68 4.18 -6.30
CA GLY A 30 -2.62 3.08 -6.30
C GLY A 30 -2.94 2.59 -4.91
N LEU A 31 -3.82 1.60 -4.82
CA LEU A 31 -4.22 1.04 -3.54
C LEU A 31 -3.42 -0.23 -3.22
N CYS A 32 -2.89 -0.30 -2.00
CA CYS A 32 -2.11 -1.46 -1.59
C CYS A 32 -2.93 -2.74 -1.69
N VAL A 33 -2.25 -3.87 -1.86
CA VAL A 33 -2.91 -5.16 -1.97
C VAL A 33 -2.77 -5.96 -0.68
N PRO A 34 -3.89 -6.54 -0.22
CA PRO A 34 -3.92 -7.35 1.00
C PRO A 34 -3.19 -8.68 0.83
N ASP A 35 -2.06 -8.82 1.52
CA ASP A 35 -1.27 -10.04 1.46
C ASP A 35 -1.80 -11.09 2.43
N VAL A 36 -2.81 -11.85 1.98
CA VAL A 36 -3.40 -12.88 2.82
C VAL A 36 -2.47 -14.08 2.96
N LEU A 1 -10.81 -9.19 6.75
CA LEU A 1 -9.65 -8.54 7.35
C LEU A 1 -9.90 -7.04 7.50
N PRO A 2 -9.13 -6.40 8.40
CA PRO A 2 -9.23 -4.96 8.65
C PRO A 2 -8.73 -4.12 7.47
N ARG A 3 -9.00 -2.82 7.52
CA ARG A 3 -8.57 -1.92 6.46
C ARG A 3 -7.05 -1.79 6.43
N CYS A 4 -6.52 -1.42 5.27
CA CYS A 4 -5.08 -1.27 5.11
C CYS A 4 -4.52 -0.24 6.10
N ASP A 5 -3.22 -0.03 6.04
CA ASP A 5 -2.56 0.92 6.94
C ASP A 5 -2.69 2.35 6.40
N SER A 6 -2.45 2.51 5.11
CA SER A 6 -2.54 3.81 4.47
C SER A 6 -3.41 3.76 3.23
N PRO A 7 -3.91 4.93 2.78
CA PRO A 7 -4.76 5.04 1.60
C PRO A 7 -4.01 4.76 0.31
N PHE A 8 -2.82 5.34 0.19
CA PHE A 8 -1.99 5.16 -1.00
C PHE A 8 -0.51 5.39 -0.68
N CYS A 9 0.34 5.19 -1.68
CA CYS A 9 1.77 5.38 -1.50
C CYS A 9 2.50 5.31 -2.84
N SER A 10 3.78 5.66 -2.83
CA SER A 10 4.58 5.66 -4.05
C SER A 10 5.45 4.40 -4.12
N LEU A 11 6.20 4.27 -5.21
CA LEU A 11 7.06 3.11 -5.42
C LEU A 11 8.18 3.08 -4.37
N PHE A 12 8.67 4.28 -4.01
CA PHE A 12 9.74 4.39 -3.03
C PHE A 12 9.18 4.37 -1.61
N ARG A 13 7.99 4.92 -1.44
CA ARG A 13 7.34 4.96 -0.13
C ARG A 13 6.56 3.68 0.13
N ILE A 14 7.22 2.54 -0.02
CA ILE A 14 6.59 1.25 0.20
C ILE A 14 6.47 0.93 1.68
N GLY A 15 7.48 1.35 2.45
CA GLY A 15 7.47 1.10 3.88
C GLY A 15 6.23 1.63 4.56
N LEU A 16 5.79 2.81 4.14
CA LEU A 16 4.60 3.43 4.71
C LEU A 16 3.42 2.46 4.70
N CYS A 17 3.17 1.85 3.54
CA CYS A 17 2.08 0.90 3.39
C CYS A 17 2.58 -0.54 3.51
N GLY A 18 3.15 -0.87 4.66
CA GLY A 18 3.66 -2.21 4.88
C GLY A 18 3.33 -2.75 6.25
N ASP A 19 2.18 -2.34 6.78
CA ASP A 19 1.75 -2.78 8.10
C ASP A 19 0.73 -3.92 7.99
N LYS A 20 -0.17 -3.80 7.03
CA LYS A 20 -1.20 -4.82 6.81
C LYS A 20 -1.18 -5.31 5.36
N CYS A 21 -0.86 -4.42 4.44
CA CYS A 21 -0.81 -4.76 3.02
C CYS A 21 0.49 -4.26 2.40
N THR A 22 0.66 -4.54 1.11
CA THR A 22 1.86 -4.12 0.39
C THR A 22 1.56 -2.96 -0.57
N CYS A 23 2.50 -2.04 -0.68
CA CYS A 23 2.34 -0.89 -1.56
C CYS A 23 2.35 -1.31 -3.02
N VAL A 24 1.61 -0.58 -3.84
CA VAL A 24 1.53 -0.88 -5.27
C VAL A 24 2.54 -0.04 -6.06
N PRO A 25 2.96 -0.57 -7.22
CA PRO A 25 3.93 0.11 -8.10
C PRO A 25 3.33 1.35 -8.76
N LEU A 26 2.01 1.47 -8.71
CA LEU A 26 1.32 2.60 -9.31
C LEU A 26 1.94 3.91 -8.86
N PRO A 27 2.53 4.65 -9.81
CA PRO A 27 3.17 5.94 -9.54
C PRO A 27 2.16 7.03 -9.19
N ILE A 28 0.89 6.76 -9.49
CA ILE A 28 -0.18 7.72 -9.22
C ILE A 28 -0.79 7.48 -7.84
N PHE A 29 0.01 6.91 -6.94
CA PHE A 29 -0.46 6.62 -5.59
C PHE A 29 -1.58 5.57 -5.61
N GLY A 30 -1.32 4.47 -6.32
CA GLY A 30 -2.30 3.41 -6.41
C GLY A 30 -2.75 2.91 -5.04
N LEU A 31 -3.65 1.94 -5.03
CA LEU A 31 -4.16 1.38 -3.79
C LEU A 31 -3.45 0.08 -3.45
N CYS A 32 -2.97 -0.03 -2.22
CA CYS A 32 -2.27 -1.22 -1.77
C CYS A 32 -3.16 -2.46 -1.92
N VAL A 33 -2.53 -3.61 -2.09
CA VAL A 33 -3.24 -4.87 -2.26
C VAL A 33 -3.25 -5.68 -0.96
N PRO A 34 -4.43 -6.18 -0.58
CA PRO A 34 -4.59 -6.98 0.64
C PRO A 34 -3.92 -8.35 0.52
N ASP A 35 -2.80 -8.50 1.20
CA ASP A 35 -2.07 -9.76 1.18
C ASP A 35 -2.92 -10.90 1.72
N VAL A 36 -3.53 -11.67 0.82
CA VAL A 36 -4.37 -12.78 1.21
C VAL A 36 -3.55 -14.06 1.41
N LEU A 1 -12.89 -8.09 4.07
CA LEU A 1 -11.42 -8.10 4.09
C LEU A 1 -10.89 -7.02 5.02
N PRO A 2 -9.66 -7.23 5.53
CA PRO A 2 -9.00 -6.28 6.43
C PRO A 2 -8.59 -5.00 5.73
N ARG A 3 -8.57 -3.89 6.47
CA ARG A 3 -8.19 -2.60 5.91
C ARG A 3 -6.69 -2.35 6.10
N CYS A 4 -6.15 -1.45 5.28
CA CYS A 4 -4.73 -1.12 5.35
C CYS A 4 -4.48 -0.02 6.38
N ASP A 5 -3.21 0.31 6.58
CA ASP A 5 -2.83 1.35 7.53
C ASP A 5 -2.93 2.74 6.88
N SER A 6 -2.16 2.95 5.83
CA SER A 6 -2.17 4.23 5.13
C SER A 6 -3.14 4.21 3.96
N PRO A 7 -3.54 5.41 3.50
CA PRO A 7 -4.47 5.56 2.38
C PRO A 7 -3.86 5.13 1.05
N PHE A 8 -2.66 5.63 0.78
CA PHE A 8 -1.96 5.31 -0.47
C PHE A 8 -0.45 5.50 -0.31
N CYS A 9 0.30 5.18 -1.36
CA CYS A 9 1.75 5.31 -1.34
C CYS A 9 2.31 5.29 -2.76
N SER A 10 3.59 5.64 -2.88
CA SER A 10 4.24 5.67 -4.18
C SER A 10 5.31 4.58 -4.27
N LEU A 11 5.70 4.25 -5.50
CA LEU A 11 6.72 3.23 -5.72
C LEU A 11 7.97 3.50 -4.89
N PHE A 12 8.30 4.78 -4.73
CA PHE A 12 9.48 5.17 -3.96
C PHE A 12 9.23 4.97 -2.47
N ARG A 13 7.99 5.18 -2.04
CA ARG A 13 7.62 5.04 -0.64
C ARG A 13 6.86 3.73 -0.41
N ILE A 14 7.58 2.62 -0.47
CA ILE A 14 6.98 1.30 -0.27
C ILE A 14 6.87 0.97 1.22
N GLY A 15 7.86 1.40 1.98
CA GLY A 15 7.87 1.14 3.41
C GLY A 15 6.69 1.79 4.12
N LEU A 16 6.28 2.95 3.63
CA LEU A 16 5.16 3.67 4.23
C LEU A 16 3.94 2.77 4.39
N CYS A 17 3.59 2.07 3.33
CA CYS A 17 2.45 1.16 3.35
C CYS A 17 2.90 -0.28 3.56
N GLY A 18 3.41 -0.57 4.76
CA GLY A 18 3.88 -1.91 5.06
C GLY A 18 3.50 -2.35 6.46
N ASP A 19 2.37 -1.83 6.96
CA ASP A 19 1.91 -2.18 8.29
C ASP A 19 0.81 -3.24 8.23
N LYS A 20 -0.08 -3.10 7.25
CA LYS A 20 -1.17 -4.05 7.08
C LYS A 20 -1.19 -4.61 5.67
N CYS A 21 -0.84 -3.76 4.70
CA CYS A 21 -0.81 -4.17 3.30
C CYS A 21 0.52 -3.80 2.65
N THR A 22 0.65 -4.13 1.37
CA THR A 22 1.87 -3.83 0.63
C THR A 22 1.63 -2.73 -0.40
N CYS A 23 2.67 -1.93 -0.64
CA CYS A 23 2.58 -0.84 -1.61
C CYS A 23 2.43 -1.37 -3.04
N VAL A 24 1.72 -0.63 -3.87
CA VAL A 24 1.50 -1.03 -5.26
C VAL A 24 2.42 -0.27 -6.19
N PRO A 25 2.72 -0.86 -7.36
CA PRO A 25 3.58 -0.26 -8.37
C PRO A 25 2.94 0.96 -9.04
N LEU A 26 1.62 1.06 -8.93
CA LEU A 26 0.89 2.18 -9.51
C LEU A 26 1.52 3.51 -9.11
N PRO A 27 2.06 4.23 -10.11
CA PRO A 27 2.69 5.53 -9.89
C PRO A 27 1.68 6.62 -9.53
N ILE A 28 0.40 6.31 -9.74
CA ILE A 28 -0.66 7.27 -9.43
C ILE A 28 -1.19 7.06 -8.02
N PHE A 29 -0.33 6.54 -7.14
CA PHE A 29 -0.71 6.30 -5.75
C PHE A 29 -1.80 5.23 -5.67
N GLY A 30 -1.58 4.12 -6.34
CA GLY A 30 -2.55 3.04 -6.33
C GLY A 30 -2.92 2.60 -4.92
N LEU A 31 -3.81 1.63 -4.82
CA LEU A 31 -4.25 1.12 -3.53
C LEU A 31 -3.49 -0.15 -3.15
N CYS A 32 -2.97 -0.18 -1.93
CA CYS A 32 -2.21 -1.33 -1.45
C CYS A 32 -3.06 -2.60 -1.52
N VAL A 33 -2.39 -3.74 -1.67
CA VAL A 33 -3.09 -5.03 -1.75
C VAL A 33 -3.02 -5.77 -0.42
N PRO A 34 -4.17 -6.29 0.03
CA PRO A 34 -4.26 -7.04 1.29
C PRO A 34 -3.56 -8.39 1.21
N ASP A 35 -2.45 -8.51 1.94
CA ASP A 35 -1.68 -9.75 1.95
C ASP A 35 -2.41 -10.83 2.75
N VAL A 36 -3.18 -11.65 2.05
CA VAL A 36 -3.94 -12.72 2.69
C VAL A 36 -3.18 -14.04 2.63
N LEU A 1 -11.21 -8.74 6.58
CA LEU A 1 -9.94 -8.28 7.11
C LEU A 1 -9.97 -6.77 7.33
N PRO A 2 -9.05 -6.28 8.20
CA PRO A 2 -8.95 -4.85 8.50
C PRO A 2 -8.41 -4.04 7.32
N ARG A 3 -8.82 -2.78 7.24
CA ARG A 3 -8.39 -1.90 6.16
C ARG A 3 -6.87 -1.76 6.16
N CYS A 4 -6.31 -1.50 4.98
CA CYS A 4 -4.86 -1.35 4.84
C CYS A 4 -4.35 -0.23 5.74
N ASP A 5 -3.02 -0.14 5.85
CA ASP A 5 -2.40 0.88 6.69
C ASP A 5 -2.82 2.28 6.24
N SER A 6 -2.48 2.62 4.99
CA SER A 6 -2.83 3.93 4.45
C SER A 6 -3.65 3.79 3.17
N PRO A 7 -4.35 4.87 2.80
CA PRO A 7 -5.19 4.88 1.59
C PRO A 7 -4.36 4.86 0.31
N PHE A 8 -3.23 5.56 0.33
CA PHE A 8 -2.35 5.61 -0.84
C PHE A 8 -0.89 5.63 -0.42
N CYS A 9 0.01 5.58 -1.39
CA CYS A 9 1.44 5.59 -1.12
C CYS A 9 2.24 5.67 -2.42
N SER A 10 3.55 5.82 -2.29
CA SER A 10 4.43 5.92 -3.45
C SER A 10 4.94 4.54 -3.85
N LEU A 11 5.71 4.49 -4.94
CA LEU A 11 6.27 3.24 -5.43
C LEU A 11 7.50 2.84 -4.65
N PHE A 12 8.29 3.84 -4.25
CA PHE A 12 9.51 3.60 -3.49
C PHE A 12 9.22 3.57 -1.99
N ARG A 13 8.26 4.38 -1.57
CA ARG A 13 7.88 4.44 -0.16
C ARG A 13 7.04 3.23 0.23
N ILE A 14 7.64 2.05 0.20
CA ILE A 14 6.95 0.82 0.55
C ILE A 14 6.85 0.66 2.07
N GLY A 15 7.90 1.10 2.77
CA GLY A 15 7.91 0.99 4.22
C GLY A 15 6.69 1.60 4.86
N LEU A 16 6.16 2.66 4.24
CA LEU A 16 4.98 3.34 4.77
C LEU A 16 3.77 2.40 4.76
N CYS A 17 3.54 1.75 3.62
CA CYS A 17 2.42 0.83 3.49
C CYS A 17 2.88 -0.61 3.65
N GLY A 18 3.23 -0.98 4.88
CA GLY A 18 3.68 -2.33 5.15
C GLY A 18 3.17 -2.86 6.48
N ASP A 19 2.01 -2.38 6.89
CA ASP A 19 1.42 -2.81 8.16
C ASP A 19 0.34 -3.86 7.92
N LYS A 20 -0.46 -3.66 6.88
CA LYS A 20 -1.54 -4.59 6.54
C LYS A 20 -1.48 -4.96 5.08
N CYS A 21 -1.10 -4.00 4.23
CA CYS A 21 -1.01 -4.24 2.80
C CYS A 21 0.34 -3.78 2.26
N THR A 22 0.54 -3.96 0.96
CA THR A 22 1.79 -3.57 0.31
C THR A 22 1.56 -2.45 -0.70
N CYS A 23 2.59 -1.64 -0.91
CA CYS A 23 2.51 -0.54 -1.86
C CYS A 23 2.39 -1.05 -3.29
N VAL A 24 1.69 -0.29 -4.13
CA VAL A 24 1.50 -0.67 -5.53
C VAL A 24 2.41 0.14 -6.44
N PRO A 25 2.74 -0.42 -7.61
CA PRO A 25 3.60 0.23 -8.60
C PRO A 25 2.93 1.42 -9.26
N LEU A 26 1.60 1.48 -9.16
CA LEU A 26 0.84 2.57 -9.75
C LEU A 26 1.41 3.92 -9.33
N PRO A 27 1.94 4.67 -10.31
CA PRO A 27 2.53 5.99 -10.06
C PRO A 27 1.46 7.04 -9.71
N ILE A 28 0.21 6.68 -9.91
CA ILE A 28 -0.90 7.58 -9.60
C ILE A 28 -1.41 7.38 -8.18
N PHE A 29 -0.52 6.90 -7.31
CA PHE A 29 -0.89 6.64 -5.92
C PHE A 29 -1.95 5.55 -5.81
N GLY A 30 -1.70 4.44 -6.49
CA GLY A 30 -2.64 3.33 -6.47
C GLY A 30 -2.98 2.88 -5.06
N LEU A 31 -3.83 1.87 -4.95
CA LEU A 31 -4.23 1.35 -3.65
C LEU A 31 -3.41 0.12 -3.28
N CYS A 32 -2.92 0.08 -2.05
CA CYS A 32 -2.12 -1.05 -1.58
C CYS A 32 -2.90 -2.35 -1.70
N VAL A 33 -2.17 -3.46 -1.84
CA VAL A 33 -2.79 -4.77 -1.97
C VAL A 33 -2.62 -5.59 -0.69
N PRO A 34 -3.71 -6.21 -0.23
CA PRO A 34 -3.70 -7.04 0.97
C PRO A 34 -2.93 -8.34 0.79
N ASP A 35 -1.74 -8.41 1.39
CA ASP A 35 -0.90 -9.59 1.28
C ASP A 35 -1.41 -10.70 2.20
N VAL A 36 -2.05 -11.71 1.61
CA VAL A 36 -2.59 -12.83 2.38
C VAL A 36 -1.60 -13.99 2.42
N LEU A 1 -12.40 -6.47 3.62
CA LEU A 1 -10.99 -6.66 3.96
C LEU A 1 -10.58 -5.77 5.13
N PRO A 2 -9.53 -6.20 5.85
CA PRO A 2 -9.01 -5.45 7.00
C PRO A 2 -8.33 -4.16 6.59
N ARG A 3 -8.28 -3.20 7.52
CA ARG A 3 -7.67 -1.91 7.25
C ARG A 3 -6.15 -2.06 7.12
N CYS A 4 -5.52 -1.09 6.45
CA CYS A 4 -4.08 -1.11 6.26
C CYS A 4 -3.42 0.06 6.98
N ASP A 5 -2.10 0.15 6.85
CA ASP A 5 -1.34 1.22 7.49
C ASP A 5 -1.80 2.59 6.99
N SER A 6 -1.64 2.82 5.69
CA SER A 6 -2.04 4.08 5.09
C SER A 6 -2.97 3.85 3.91
N PRO A 7 -3.72 4.91 3.53
CA PRO A 7 -4.68 4.84 2.41
C PRO A 7 -3.97 4.72 1.06
N PHE A 8 -2.96 5.56 0.85
CA PHE A 8 -2.22 5.54 -0.40
C PHE A 8 -0.73 5.32 -0.15
N CYS A 9 0.04 5.19 -1.22
CA CYS A 9 1.48 4.96 -1.12
C CYS A 9 2.17 5.23 -2.46
N SER A 10 3.49 5.20 -2.44
CA SER A 10 4.28 5.44 -3.65
C SER A 10 5.32 4.33 -3.85
N LEU A 11 5.79 4.20 -5.08
CA LEU A 11 6.78 3.18 -5.41
C LEU A 11 7.97 3.26 -4.47
N PHE A 12 8.33 4.47 -4.07
CA PHE A 12 9.45 4.68 -3.16
C PHE A 12 8.99 4.63 -1.70
N ARG A 13 7.77 5.11 -1.46
CA ARG A 13 7.21 5.12 -0.11
C ARG A 13 6.42 3.85 0.16
N ILE A 14 7.09 2.71 0.02
CA ILE A 14 6.45 1.42 0.26
C ILE A 14 6.35 1.10 1.75
N GLY A 15 7.37 1.53 2.50
CA GLY A 15 7.38 1.29 3.93
C GLY A 15 6.11 1.76 4.60
N LEU A 16 5.55 2.87 4.12
CA LEU A 16 4.32 3.42 4.68
C LEU A 16 3.20 2.40 4.65
N CYS A 17 3.00 1.78 3.49
CA CYS A 17 1.96 0.78 3.30
C CYS A 17 2.53 -0.62 3.40
N GLY A 18 3.20 -0.92 4.51
CA GLY A 18 3.79 -2.23 4.71
C GLY A 18 3.54 -2.78 6.10
N ASP A 19 2.39 -2.42 6.67
CA ASP A 19 2.03 -2.89 8.01
C ASP A 19 1.07 -4.07 7.93
N LYS A 20 0.11 -3.99 7.01
CA LYS A 20 -0.87 -5.06 6.83
C LYS A 20 -0.88 -5.56 5.38
N CYS A 21 -0.64 -4.65 4.44
CA CYS A 21 -0.62 -4.99 3.04
C CYS A 21 0.65 -4.48 2.37
N THR A 22 0.79 -4.75 1.07
CA THR A 22 1.96 -4.32 0.32
C THR A 22 1.60 -3.19 -0.65
N CYS A 23 2.52 -2.25 -0.83
CA CYS A 23 2.30 -1.12 -1.72
C CYS A 23 2.27 -1.58 -3.17
N VAL A 24 1.47 -0.88 -3.98
CA VAL A 24 1.35 -1.21 -5.40
C VAL A 24 2.31 -0.40 -6.25
N PRO A 25 2.67 -0.94 -7.43
CA PRO A 25 3.58 -0.27 -8.36
C PRO A 25 2.97 0.97 -9.00
N LEU A 26 1.64 1.04 -8.96
CA LEU A 26 0.92 2.17 -9.53
C LEU A 26 1.50 3.50 -9.04
N PRO A 27 2.09 4.27 -9.96
CA PRO A 27 2.69 5.57 -9.64
C PRO A 27 1.64 6.62 -9.30
N ILE A 28 0.38 6.31 -9.58
CA ILE A 28 -0.71 7.22 -9.29
C ILE A 28 -1.31 6.97 -7.91
N PHE A 29 -0.49 6.43 -7.02
CA PHE A 29 -0.92 6.14 -5.66
C PHE A 29 -2.01 5.06 -5.66
N GLY A 30 -1.76 3.97 -6.37
CA GLY A 30 -2.73 2.89 -6.45
C GLY A 30 -3.14 2.39 -5.07
N LEU A 31 -4.00 1.38 -5.05
CA LEU A 31 -4.46 0.80 -3.79
C LEU A 31 -3.66 -0.44 -3.43
N CYS A 32 -3.11 -0.45 -2.23
CA CYS A 32 -2.31 -1.59 -1.76
C CYS A 32 -3.13 -2.88 -1.81
N VAL A 33 -2.44 -4.00 -2.03
CA VAL A 33 -3.10 -5.30 -2.11
C VAL A 33 -2.90 -6.08 -0.82
N PRO A 34 -4.01 -6.66 -0.31
CA PRO A 34 -3.99 -7.44 0.93
C PRO A 34 -3.25 -8.77 0.77
N ASP A 35 -2.18 -8.95 1.53
CA ASP A 35 -1.39 -10.18 1.46
C ASP A 35 -1.91 -11.21 2.46
N VAL A 36 -2.91 -11.98 2.04
CA VAL A 36 -3.49 -13.01 2.89
C VAL A 36 -2.48 -14.12 3.19
N LEU A 1 -12.67 -7.82 5.61
CA LEU A 1 -11.29 -7.62 6.08
C LEU A 1 -11.09 -6.19 6.56
N PRO A 2 -10.12 -5.99 7.46
CA PRO A 2 -9.78 -4.68 8.00
C PRO A 2 -9.13 -3.76 6.97
N ARG A 3 -8.95 -2.50 7.33
CA ARG A 3 -8.34 -1.52 6.44
C ARG A 3 -6.82 -1.60 6.50
N CYS A 4 -6.15 -1.10 5.46
CA CYS A 4 -4.70 -1.12 5.39
C CYS A 4 -4.10 -0.13 6.39
N ASP A 5 -2.78 -0.08 6.44
CA ASP A 5 -2.09 0.82 7.36
C ASP A 5 -2.26 2.27 6.91
N SER A 6 -1.95 2.55 5.65
CA SER A 6 -2.07 3.90 5.11
C SER A 6 -3.09 3.93 3.97
N PRO A 7 -3.58 5.14 3.66
CA PRO A 7 -4.57 5.34 2.59
C PRO A 7 -3.97 5.13 1.21
N PHE A 8 -2.70 5.51 1.05
CA PHE A 8 -2.01 5.36 -0.23
C PHE A 8 -0.51 5.21 -0.02
N CYS A 9 0.21 5.00 -1.12
CA CYS A 9 1.66 4.83 -1.06
C CYS A 9 2.29 5.06 -2.43
N SER A 10 3.57 5.41 -2.44
CA SER A 10 4.30 5.64 -3.68
C SER A 10 5.37 4.58 -3.91
N LEU A 11 5.80 4.44 -5.15
CA LEU A 11 6.82 3.46 -5.49
C LEU A 11 8.05 3.61 -4.60
N PHE A 12 8.37 4.85 -4.26
CA PHE A 12 9.51 5.14 -3.40
C PHE A 12 9.12 5.08 -1.92
N ARG A 13 7.89 5.49 -1.62
CA ARG A 13 7.39 5.48 -0.25
C ARG A 13 6.69 4.17 0.07
N ILE A 14 7.34 3.06 -0.28
CA ILE A 14 6.77 1.74 -0.03
C ILE A 14 6.73 1.44 1.46
N GLY A 15 7.74 1.91 2.18
CA GLY A 15 7.79 1.69 3.62
C GLY A 15 6.51 2.09 4.32
N LEU A 16 5.89 3.16 3.84
CA LEU A 16 4.65 3.66 4.43
C LEU A 16 3.59 2.57 4.47
N CYS A 17 3.40 1.91 3.32
CA CYS A 17 2.41 0.84 3.22
C CYS A 17 3.08 -0.53 3.33
N GLY A 18 3.34 -0.95 4.56
CA GLY A 18 3.97 -2.24 4.79
C GLY A 18 3.72 -2.77 6.19
N ASP A 19 2.58 -2.41 6.77
CA ASP A 19 2.23 -2.86 8.11
C ASP A 19 1.27 -4.04 8.05
N LYS A 20 0.31 -3.98 7.14
CA LYS A 20 -0.67 -5.05 6.99
C LYS A 20 -0.72 -5.54 5.54
N CYS A 21 -0.52 -4.62 4.60
CA CYS A 21 -0.54 -4.96 3.18
C CYS A 21 0.74 -4.50 2.50
N THR A 22 0.84 -4.76 1.20
CA THR A 22 2.01 -4.38 0.43
C THR A 22 1.69 -3.22 -0.52
N CYS A 23 2.66 -2.34 -0.72
CA CYS A 23 2.48 -1.20 -1.61
C CYS A 23 2.41 -1.64 -3.07
N VAL A 24 1.64 -0.91 -3.86
CA VAL A 24 1.49 -1.22 -5.28
C VAL A 24 2.45 -0.40 -6.13
N PRO A 25 2.79 -0.93 -7.32
CA PRO A 25 3.71 -0.26 -8.25
C PRO A 25 3.08 0.96 -8.89
N LEU A 26 1.75 1.07 -8.78
CA LEU A 26 1.03 2.20 -9.36
C LEU A 26 1.66 3.52 -8.92
N PRO A 27 2.21 4.27 -9.89
CA PRO A 27 2.84 5.56 -9.62
C PRO A 27 1.83 6.64 -9.24
N ILE A 28 0.56 6.37 -9.50
CA ILE A 28 -0.50 7.31 -9.18
C ILE A 28 -1.07 7.04 -7.79
N PHE A 29 -0.24 6.50 -6.91
CA PHE A 29 -0.66 6.19 -5.55
C PHE A 29 -1.75 5.13 -5.53
N GLY A 30 -1.51 4.03 -6.25
CA GLY A 30 -2.48 2.95 -6.30
C GLY A 30 -2.88 2.47 -4.92
N LEU A 31 -3.78 1.49 -4.89
CA LEU A 31 -4.25 0.93 -3.62
C LEU A 31 -3.49 -0.35 -3.28
N CYS A 32 -2.97 -0.41 -2.07
CA CYS A 32 -2.22 -1.58 -1.62
C CYS A 32 -3.08 -2.84 -1.71
N VAL A 33 -2.42 -3.99 -1.83
CA VAL A 33 -3.12 -5.27 -1.93
C VAL A 33 -3.01 -6.05 -0.63
N PRO A 34 -4.14 -6.58 -0.16
CA PRO A 34 -4.19 -7.38 1.07
C PRO A 34 -3.50 -8.72 0.93
N ASP A 35 -2.39 -8.89 1.63
CA ASP A 35 -1.63 -10.14 1.59
C ASP A 35 -2.47 -11.31 2.11
N VAL A 36 -3.11 -12.02 1.19
CA VAL A 36 -3.94 -13.16 1.56
C VAL A 36 -3.14 -14.45 1.54
N LEU A 1 -13.21 -7.71 4.49
CA LEU A 1 -11.77 -7.73 4.67
C LEU A 1 -11.31 -6.51 5.49
N PRO A 2 -10.16 -6.65 6.15
CA PRO A 2 -9.59 -5.59 6.99
C PRO A 2 -9.09 -4.41 6.15
N ARG A 3 -8.64 -3.35 6.83
CA ARG A 3 -8.13 -2.17 6.15
C ARG A 3 -6.62 -2.08 6.27
N CYS A 4 -5.99 -1.39 5.33
CA CYS A 4 -4.54 -1.24 5.33
C CYS A 4 -4.12 -0.09 6.25
N ASP A 5 -2.81 0.17 6.29
CA ASP A 5 -2.28 1.24 7.13
C ASP A 5 -2.59 2.60 6.52
N SER A 6 -2.08 2.85 5.32
CA SER A 6 -2.30 4.11 4.63
C SER A 6 -3.25 3.93 3.45
N PRO A 7 -3.84 5.05 2.99
CA PRO A 7 -4.77 5.04 1.87
C PRO A 7 -4.07 4.75 0.54
N PHE A 8 -2.85 5.25 0.40
CA PHE A 8 -2.08 5.04 -0.82
C PHE A 8 -0.60 5.30 -0.58
N CYS A 9 0.21 5.09 -1.61
CA CYS A 9 1.65 5.30 -1.51
C CYS A 9 2.33 5.09 -2.86
N SER A 10 3.62 5.39 -2.93
CA SER A 10 4.38 5.24 -4.16
C SER A 10 5.39 4.10 -4.04
N LEU A 11 5.71 3.49 -5.17
CA LEU A 11 6.67 2.39 -5.20
C LEU A 11 7.96 2.77 -4.50
N PHE A 12 8.34 4.04 -4.61
CA PHE A 12 9.56 4.54 -3.99
C PHE A 12 9.46 4.47 -2.46
N ARG A 13 8.26 4.68 -1.94
CA ARG A 13 8.03 4.64 -0.50
C ARG A 13 7.13 3.47 -0.12
N ILE A 14 7.71 2.28 -0.07
CA ILE A 14 6.96 1.07 0.28
C ILE A 14 6.90 0.89 1.79
N GLY A 15 7.97 1.29 2.47
CA GLY A 15 8.02 1.14 3.92
C GLY A 15 6.80 1.75 4.59
N LEU A 16 6.25 2.80 4.00
CA LEU A 16 5.07 3.46 4.55
C LEU A 16 3.89 2.50 4.62
N CYS A 17 3.62 1.82 3.52
CA CYS A 17 2.52 0.86 3.46
C CYS A 17 3.02 -0.56 3.64
N GLY A 18 3.50 -0.87 4.84
CA GLY A 18 4.00 -2.21 5.12
C GLY A 18 3.61 -2.70 6.49
N ASP A 19 2.45 -2.25 6.96
CA ASP A 19 1.96 -2.65 8.27
C ASP A 19 0.89 -3.74 8.14
N LYS A 20 0.02 -3.60 7.15
CA LYS A 20 -1.03 -4.56 6.90
C LYS A 20 -1.05 -5.00 5.44
N CYS A 21 -0.74 -4.08 4.55
CA CYS A 21 -0.71 -4.37 3.12
C CYS A 21 0.62 -3.97 2.51
N THR A 22 0.76 -4.19 1.21
CA THR A 22 1.99 -3.86 0.49
C THR A 22 1.77 -2.70 -0.47
N CYS A 23 2.80 -1.87 -0.64
CA CYS A 23 2.71 -0.72 -1.54
C CYS A 23 2.61 -1.18 -2.99
N VAL A 24 1.90 -0.40 -3.80
CA VAL A 24 1.74 -0.71 -5.21
C VAL A 24 2.71 0.08 -6.08
N PRO A 25 3.06 -0.47 -7.25
CA PRO A 25 3.98 0.16 -8.19
C PRO A 25 3.38 1.40 -8.84
N LEU A 26 2.06 1.43 -8.93
CA LEU A 26 1.35 2.55 -9.54
C LEU A 26 1.82 3.88 -8.93
N PRO A 27 2.46 4.72 -9.76
CA PRO A 27 2.96 6.02 -9.33
C PRO A 27 1.85 7.01 -9.04
N ILE A 28 0.61 6.61 -9.34
CA ILE A 28 -0.55 7.46 -9.11
C ILE A 28 -1.14 7.21 -7.73
N PHE A 29 -0.30 6.76 -6.81
CA PHE A 29 -0.75 6.48 -5.44
C PHE A 29 -1.82 5.39 -5.42
N GLY A 30 -1.53 4.28 -6.11
CA GLY A 30 -2.46 3.17 -6.16
C GLY A 30 -2.87 2.69 -4.79
N LEU A 31 -3.72 1.67 -4.75
CA LEU A 31 -4.19 1.11 -3.49
C LEU A 31 -3.42 -0.17 -3.14
N CYS A 32 -2.88 -0.21 -1.92
CA CYS A 32 -2.13 -1.37 -1.47
C CYS A 32 -2.98 -2.64 -1.55
N VAL A 33 -2.31 -3.78 -1.67
CA VAL A 33 -3.00 -5.07 -1.75
C VAL A 33 -2.93 -5.81 -0.43
N PRO A 34 -4.08 -6.34 0.02
CA PRO A 34 -4.17 -7.10 1.27
C PRO A 34 -3.47 -8.45 1.18
N ASP A 35 -2.31 -8.55 1.83
CA ASP A 35 -1.54 -9.79 1.82
C ASP A 35 -2.31 -10.92 2.51
N VAL A 36 -2.87 -11.82 1.71
CA VAL A 36 -3.64 -12.94 2.24
C VAL A 36 -2.84 -14.23 2.19
N LEU A 1 -11.82 -9.37 5.31
CA LEU A 1 -10.49 -8.97 5.76
C LEU A 1 -10.52 -7.56 6.33
N PRO A 2 -9.49 -7.25 7.15
CA PRO A 2 -9.38 -5.93 7.79
C PRO A 2 -9.06 -4.82 6.79
N ARG A 3 -8.78 -3.63 7.30
CA ARG A 3 -8.46 -2.49 6.45
C ARG A 3 -6.96 -2.16 6.52
N CYS A 4 -6.45 -1.58 5.45
CA CYS A 4 -5.04 -1.22 5.38
C CYS A 4 -4.70 -0.13 6.40
N ASP A 5 -3.43 0.21 6.50
CA ASP A 5 -2.98 1.23 7.43
C ASP A 5 -3.19 2.63 6.85
N SER A 6 -2.54 2.91 5.74
CA SER A 6 -2.66 4.21 5.08
C SER A 6 -3.58 4.13 3.86
N PRO A 7 -4.09 5.28 3.42
CA PRO A 7 -4.98 5.37 2.27
C PRO A 7 -4.26 5.08 0.95
N PHE A 8 -3.09 5.68 0.78
CA PHE A 8 -2.30 5.48 -0.43
C PHE A 8 -0.81 5.63 -0.13
N CYS A 9 0.02 5.35 -1.14
CA CYS A 9 1.47 5.45 -1.00
C CYS A 9 2.14 5.55 -2.36
N SER A 10 3.42 5.91 -2.35
CA SER A 10 4.18 6.04 -3.59
C SER A 10 5.03 4.80 -3.84
N LEU A 11 5.40 4.58 -5.10
CA LEU A 11 6.20 3.44 -5.47
C LEU A 11 7.46 3.34 -4.61
N PHE A 12 8.09 4.48 -4.36
CA PHE A 12 9.30 4.52 -3.55
C PHE A 12 8.96 4.42 -2.07
N ARG A 13 7.82 4.97 -1.69
CA ARG A 13 7.37 4.95 -0.30
C ARG A 13 6.57 3.68 -0.01
N ILE A 14 7.14 2.53 -0.36
CA ILE A 14 6.49 1.24 -0.14
C ILE A 14 6.50 0.87 1.34
N GLY A 15 7.59 1.23 2.03
CA GLY A 15 7.69 0.92 3.44
C GLY A 15 6.63 1.63 4.27
N LEU A 16 6.26 2.83 3.85
CA LEU A 16 5.26 3.61 4.57
C LEU A 16 3.97 2.81 4.74
N CYS A 17 3.49 2.22 3.64
CA CYS A 17 2.27 1.43 3.67
C CYS A 17 2.59 -0.05 3.74
N GLY A 18 3.22 -0.47 4.83
CA GLY A 18 3.58 -1.87 5.00
C GLY A 18 3.24 -2.39 6.38
N ASP A 19 2.16 -1.87 6.96
CA ASP A 19 1.73 -2.29 8.30
C ASP A 19 0.60 -3.30 8.20
N LYS A 20 -0.33 -3.07 7.27
CA LYS A 20 -1.47 -3.96 7.08
C LYS A 20 -1.54 -4.45 5.65
N CYS A 21 -1.16 -3.59 4.71
CA CYS A 21 -1.18 -3.93 3.29
C CYS A 21 0.16 -3.60 2.63
N THR A 22 0.26 -3.88 1.34
CA THR A 22 1.49 -3.62 0.60
C THR A 22 1.25 -2.56 -0.48
N CYS A 23 2.26 -1.74 -0.72
CA CYS A 23 2.17 -0.68 -1.72
C CYS A 23 2.09 -1.26 -3.13
N VAL A 24 1.40 -0.58 -4.02
CA VAL A 24 1.26 -1.03 -5.40
C VAL A 24 2.19 -0.26 -6.34
N PRO A 25 2.60 -0.91 -7.43
CA PRO A 25 3.50 -0.30 -8.42
C PRO A 25 2.81 0.80 -9.22
N LEU A 26 1.50 0.90 -9.07
CA LEU A 26 0.72 1.91 -9.78
C LEU A 26 1.33 3.29 -9.58
N PRO A 27 1.83 3.89 -10.68
CA PRO A 27 2.45 5.21 -10.65
C PRO A 27 1.44 6.32 -10.41
N ILE A 28 0.16 5.99 -10.55
CA ILE A 28 -0.91 6.96 -10.34
C ILE A 28 -1.40 6.93 -8.89
N PHE A 29 -0.51 6.55 -7.98
CA PHE A 29 -0.86 6.48 -6.57
C PHE A 29 -1.91 5.41 -6.31
N GLY A 30 -1.67 4.21 -6.83
CA GLY A 30 -2.60 3.12 -6.65
C GLY A 30 -2.94 2.88 -5.19
N LEU A 31 -3.82 1.91 -4.94
CA LEU A 31 -4.21 1.58 -3.57
C LEU A 31 -3.41 0.40 -3.03
N CYS A 32 -3.20 0.40 -1.72
CA CYS A 32 -2.44 -0.67 -1.07
C CYS A 32 -3.21 -2.00 -1.13
N VAL A 33 -2.54 -3.04 -1.61
CA VAL A 33 -3.15 -4.35 -1.72
C VAL A 33 -2.55 -5.32 -0.71
N PRO A 34 -3.41 -6.06 0.00
CA PRO A 34 -2.99 -7.05 0.99
C PRO A 34 -2.32 -8.26 0.37
N ASP A 35 -1.09 -8.53 0.79
CA ASP A 35 -0.33 -9.66 0.27
C ASP A 35 -0.87 -10.98 0.83
N VAL A 36 -1.77 -11.60 0.07
CA VAL A 36 -2.37 -12.87 0.48
C VAL A 36 -1.49 -14.05 0.10
N LEU A 1 -12.65 -5.60 1.05
CA LEU A 1 -11.46 -5.99 1.79
C LEU A 1 -11.27 -5.10 3.02
N PRO A 2 -10.49 -5.60 3.99
CA PRO A 2 -10.22 -4.88 5.24
C PRO A 2 -9.32 -3.66 5.00
N ARG A 3 -9.49 -2.64 5.83
CA ARG A 3 -8.70 -1.42 5.71
C ARG A 3 -7.21 -1.75 5.68
N CYS A 4 -6.40 -0.78 5.24
CA CYS A 4 -4.96 -0.96 5.16
C CYS A 4 -4.24 0.00 6.10
N ASP A 5 -2.92 -0.06 6.11
CA ASP A 5 -2.10 0.80 6.97
C ASP A 5 -2.29 2.27 6.58
N SER A 6 -1.93 2.60 5.34
CA SER A 6 -2.05 3.97 4.86
C SER A 6 -3.03 4.04 3.69
N PRO A 7 -3.53 5.25 3.41
CA PRO A 7 -4.49 5.49 2.32
C PRO A 7 -3.85 5.34 0.95
N PHE A 8 -2.57 5.70 0.85
CA PHE A 8 -1.84 5.60 -0.40
C PHE A 8 -0.34 5.59 -0.16
N CYS A 9 0.43 5.40 -1.24
CA CYS A 9 1.88 5.37 -1.14
C CYS A 9 2.52 5.26 -2.52
N SER A 10 3.75 5.74 -2.64
CA SER A 10 4.46 5.71 -3.91
C SER A 10 5.42 4.52 -3.96
N LEU A 11 5.85 4.16 -5.17
CA LEU A 11 6.77 3.05 -5.36
C LEU A 11 7.99 3.19 -4.45
N PHE A 12 8.43 4.42 -4.25
CA PHE A 12 9.59 4.69 -3.40
C PHE A 12 9.19 4.67 -1.93
N ARG A 13 7.97 5.11 -1.64
CA ARG A 13 7.48 5.15 -0.26
C ARG A 13 6.73 3.87 0.07
N ILE A 14 7.33 2.73 -0.28
CA ILE A 14 6.71 1.44 -0.01
C ILE A 14 6.69 1.14 1.49
N GLY A 15 7.74 1.58 2.19
CA GLY A 15 7.81 1.35 3.61
C GLY A 15 6.65 1.97 4.37
N LEU A 16 6.16 3.10 3.87
CA LEU A 16 5.05 3.79 4.51
C LEU A 16 3.84 2.87 4.66
N CYS A 17 3.49 2.19 3.58
CA CYS A 17 2.36 1.26 3.58
C CYS A 17 2.84 -0.18 3.74
N GLY A 18 3.38 -0.49 4.91
CA GLY A 18 3.87 -1.83 5.17
C GLY A 18 3.52 -2.32 6.56
N ASP A 19 2.40 -1.84 7.09
CA ASP A 19 1.96 -2.23 8.42
C ASP A 19 0.88 -3.30 8.34
N LYS A 20 -0.04 -3.15 7.38
CA LYS A 20 -1.12 -4.11 7.20
C LYS A 20 -1.14 -4.63 5.77
N CYS A 21 -0.79 -3.78 4.82
CA CYS A 21 -0.77 -4.16 3.41
C CYS A 21 0.55 -3.75 2.76
N THR A 22 0.69 -4.07 1.48
CA THR A 22 1.90 -3.73 0.74
C THR A 22 1.64 -2.66 -0.31
N CYS A 23 2.65 -1.84 -0.59
CA CYS A 23 2.51 -0.77 -1.56
C CYS A 23 2.37 -1.34 -2.98
N VAL A 24 1.62 -0.63 -3.82
CA VAL A 24 1.40 -1.06 -5.19
C VAL A 24 2.27 -0.27 -6.17
N PRO A 25 2.56 -0.88 -7.33
CA PRO A 25 3.38 -0.25 -8.37
C PRO A 25 2.68 0.92 -9.04
N LEU A 26 1.35 0.99 -8.88
CA LEU A 26 0.57 2.06 -9.47
C LEU A 26 1.17 3.43 -9.13
N PRO A 27 1.65 4.13 -10.16
CA PRO A 27 2.23 5.46 -10.00
C PRO A 27 1.21 6.52 -9.63
N ILE A 28 -0.07 6.18 -9.79
CA ILE A 28 -1.15 7.10 -9.46
C ILE A 28 -1.62 6.91 -8.03
N PHE A 29 -0.72 6.44 -7.17
CA PHE A 29 -1.05 6.21 -5.76
C PHE A 29 -2.08 5.11 -5.62
N GLY A 30 -1.84 3.98 -6.28
CA GLY A 30 -2.77 2.87 -6.21
C GLY A 30 -3.08 2.46 -4.78
N LEU A 31 -3.95 1.47 -4.63
CA LEU A 31 -4.33 0.98 -3.31
C LEU A 31 -3.52 -0.25 -2.93
N CYS A 32 -2.99 -0.26 -1.71
CA CYS A 32 -2.20 -1.38 -1.22
C CYS A 32 -2.99 -2.68 -1.27
N VAL A 33 -2.29 -3.80 -1.25
CA VAL A 33 -2.94 -5.11 -1.30
C VAL A 33 -2.74 -5.86 0.02
N PRO A 34 -3.84 -6.44 0.53
CA PRO A 34 -3.82 -7.19 1.79
C PRO A 34 -3.07 -8.52 1.66
N ASP A 35 -1.99 -8.65 2.41
CA ASP A 35 -1.19 -9.86 2.39
C ASP A 35 -1.99 -11.06 2.86
N VAL A 36 -2.60 -11.78 1.92
CA VAL A 36 -3.40 -12.95 2.25
C VAL A 36 -2.60 -14.24 2.06
N LEU A 1 -12.82 -6.61 4.92
CA LEU A 1 -11.41 -6.83 5.24
C LEU A 1 -10.90 -5.80 6.24
N PRO A 2 -9.79 -6.12 6.91
CA PRO A 2 -9.18 -5.23 7.91
C PRO A 2 -8.56 -4.00 7.28
N ARG A 3 -8.41 -2.94 8.07
CA ARG A 3 -7.82 -1.70 7.58
C ARG A 3 -6.32 -1.85 7.35
N CYS A 4 -5.75 -0.94 6.58
CA CYS A 4 -4.32 -0.98 6.27
C CYS A 4 -3.60 0.21 6.89
N ASP A 5 -2.28 0.27 6.69
CA ASP A 5 -1.48 1.37 7.24
C ASP A 5 -2.00 2.71 6.75
N SER A 6 -2.03 2.88 5.42
CA SER A 6 -2.49 4.12 4.83
C SER A 6 -3.32 3.84 3.58
N PRO A 7 -4.13 4.84 3.17
CA PRO A 7 -5.00 4.74 2.00
C PRO A 7 -4.21 4.72 0.70
N PHE A 8 -3.28 5.66 0.56
CA PHE A 8 -2.45 5.76 -0.63
C PHE A 8 -0.98 5.67 -0.28
N CYS A 9 -0.18 5.11 -1.19
CA CYS A 9 1.25 4.97 -0.97
C CYS A 9 2.02 5.23 -2.27
N SER A 10 3.34 5.28 -2.16
CA SER A 10 4.20 5.52 -3.31
C SER A 10 5.18 4.37 -3.52
N LEU A 11 5.48 4.10 -4.79
CA LEU A 11 6.41 3.01 -5.13
C LEU A 11 7.71 3.15 -4.35
N PHE A 12 8.24 4.37 -4.31
CA PHE A 12 9.49 4.63 -3.59
C PHE A 12 9.29 4.49 -2.08
N ARG A 13 8.11 4.85 -1.61
CA ARG A 13 7.79 4.76 -0.19
C ARG A 13 6.87 3.57 0.09
N ILE A 14 7.44 2.36 0.03
CA ILE A 14 6.67 1.15 0.28
C ILE A 14 6.52 0.90 1.77
N GLY A 15 7.55 1.26 2.54
CA GLY A 15 7.51 1.06 3.97
C GLY A 15 6.25 1.62 4.61
N LEU A 16 5.75 2.71 4.04
CA LEU A 16 4.55 3.36 4.55
C LEU A 16 3.38 2.38 4.57
N CYS A 17 3.15 1.71 3.45
CA CYS A 17 2.07 0.75 3.34
C CYS A 17 2.58 -0.68 3.52
N GLY A 18 3.16 -0.95 4.69
CA GLY A 18 3.68 -2.28 4.98
C GLY A 18 3.33 -2.75 6.37
N ASP A 19 2.17 -2.35 6.85
CA ASP A 19 1.71 -2.74 8.19
C ASP A 19 0.72 -3.89 8.11
N LYS A 20 -0.17 -3.83 7.12
CA LYS A 20 -1.18 -4.87 6.94
C LYS A 20 -1.15 -5.40 5.51
N CYS A 21 -0.87 -4.51 4.56
CA CYS A 21 -0.82 -4.88 3.15
C CYS A 21 0.49 -4.41 2.51
N THR A 22 0.65 -4.71 1.23
CA THR A 22 1.85 -4.31 0.50
C THR A 22 1.56 -3.16 -0.46
N CYS A 23 2.49 -2.22 -0.55
CA CYS A 23 2.34 -1.07 -1.44
C CYS A 23 2.39 -1.50 -2.90
N VAL A 24 1.65 -0.78 -3.74
CA VAL A 24 1.62 -1.08 -5.17
C VAL A 24 2.59 -0.20 -5.94
N PRO A 25 3.09 -0.72 -7.07
CA PRO A 25 4.04 -0.01 -7.93
C PRO A 25 3.40 1.17 -8.65
N LEU A 26 2.08 1.22 -8.62
CA LEU A 26 1.34 2.30 -9.27
C LEU A 26 1.89 3.66 -8.85
N PRO A 27 2.45 4.39 -9.83
CA PRO A 27 3.01 5.73 -9.58
C PRO A 27 1.94 6.77 -9.29
N ILE A 28 0.69 6.43 -9.60
CA ILE A 28 -0.43 7.34 -9.36
C ILE A 28 -1.05 7.08 -7.99
N PHE A 29 -0.25 6.59 -7.06
CA PHE A 29 -0.72 6.30 -5.71
C PHE A 29 -1.77 5.19 -5.72
N GLY A 30 -1.45 4.10 -6.41
CA GLY A 30 -2.38 2.98 -6.48
C GLY A 30 -2.83 2.50 -5.12
N LEU A 31 -3.70 1.51 -5.10
CA LEU A 31 -4.21 0.95 -3.85
C LEU A 31 -3.46 -0.31 -3.47
N CYS A 32 -2.99 -0.36 -2.22
CA CYS A 32 -2.26 -1.52 -1.73
C CYS A 32 -3.09 -2.79 -1.87
N VAL A 33 -2.41 -3.94 -1.90
CA VAL A 33 -3.08 -5.23 -2.03
C VAL A 33 -2.85 -6.08 -0.79
N PRO A 34 -3.95 -6.69 -0.28
CA PRO A 34 -3.90 -7.55 0.91
C PRO A 34 -3.18 -8.87 0.63
N ASP A 35 -1.94 -8.97 1.10
CA ASP A 35 -1.16 -10.18 0.91
C ASP A 35 -1.71 -11.34 1.73
N VAL A 36 -2.55 -12.15 1.10
CA VAL A 36 -3.17 -13.29 1.76
C VAL A 36 -2.68 -14.60 1.16
N LEU A 1 -11.22 -8.74 5.77
CA LEU A 1 -10.06 -8.19 6.45
C LEU A 1 -10.17 -6.67 6.58
N PRO A 2 -9.48 -6.11 7.58
CA PRO A 2 -9.49 -4.66 7.83
C PRO A 2 -8.75 -3.88 6.75
N ARG A 3 -8.88 -2.56 6.78
CA ARG A 3 -8.23 -1.71 5.81
C ARG A 3 -6.72 -1.64 6.06
N CYS A 4 -5.98 -1.19 5.06
CA CYS A 4 -4.53 -1.09 5.17
C CYS A 4 -4.13 0.03 6.14
N ASP A 5 -2.85 0.09 6.48
CA ASP A 5 -2.35 1.10 7.39
C ASP A 5 -2.65 2.50 6.87
N SER A 6 -2.18 2.79 5.66
CA SER A 6 -2.40 4.10 5.04
C SER A 6 -3.27 3.97 3.81
N PRO A 7 -3.88 5.09 3.40
CA PRO A 7 -4.74 5.14 2.22
C PRO A 7 -3.97 4.97 0.91
N PHE A 8 -2.89 5.72 0.77
CA PHE A 8 -2.06 5.66 -0.42
C PHE A 8 -0.58 5.73 -0.06
N CYS A 9 0.28 5.40 -1.03
CA CYS A 9 1.72 5.42 -0.82
C CYS A 9 2.46 5.66 -2.13
N SER A 10 3.77 5.85 -2.04
CA SER A 10 4.59 6.09 -3.22
C SER A 10 5.33 4.82 -3.64
N LEU A 11 5.59 4.69 -4.94
CA LEU A 11 6.29 3.52 -5.46
C LEU A 11 7.58 3.27 -4.70
N PHE A 12 8.24 4.35 -4.30
CA PHE A 12 9.50 4.24 -3.55
C PHE A 12 9.23 4.04 -2.06
N ARG A 13 8.16 4.66 -1.58
CA ARG A 13 7.79 4.54 -0.16
C ARG A 13 7.09 3.23 0.11
N ILE A 14 7.78 2.12 -0.12
CA ILE A 14 7.21 0.80 0.10
C ILE A 14 6.99 0.54 1.59
N GLY A 15 7.86 1.10 2.42
CA GLY A 15 7.74 0.92 3.85
C GLY A 15 6.44 1.47 4.40
N LEU A 16 5.95 2.55 3.78
CA LEU A 16 4.70 3.17 4.22
C LEU A 16 3.59 2.14 4.33
N CYS A 17 3.40 1.35 3.28
CA CYS A 17 2.37 0.33 3.27
C CYS A 17 2.97 -1.05 3.53
N GLY A 18 3.27 -1.32 4.81
CA GLY A 18 3.84 -2.60 5.19
C GLY A 18 3.33 -3.09 6.52
N ASP A 19 2.16 -2.61 6.92
CA ASP A 19 1.57 -3.00 8.19
C ASP A 19 0.49 -4.07 7.98
N LYS A 20 -0.31 -3.89 6.94
CA LYS A 20 -1.38 -4.84 6.62
C LYS A 20 -1.36 -5.20 5.14
N CYS A 21 -1.02 -4.22 4.30
CA CYS A 21 -0.98 -4.45 2.86
C CYS A 21 0.38 -4.04 2.29
N THR A 22 0.55 -4.20 0.99
CA THR A 22 1.80 -3.85 0.32
C THR A 22 1.59 -2.72 -0.67
N CYS A 23 2.63 -1.93 -0.90
CA CYS A 23 2.57 -0.81 -1.83
C CYS A 23 2.44 -1.31 -3.27
N VAL A 24 1.75 -0.54 -4.10
CA VAL A 24 1.57 -0.91 -5.50
C VAL A 24 2.48 -0.09 -6.41
N PRO A 25 2.78 -0.65 -7.59
CA PRO A 25 3.64 0.01 -8.58
C PRO A 25 2.98 1.22 -9.22
N LEU A 26 1.65 1.27 -9.14
CA LEU A 26 0.89 2.38 -9.71
C LEU A 26 1.44 3.72 -9.23
N PRO A 27 2.00 4.50 -10.16
CA PRO A 27 2.57 5.81 -9.86
C PRO A 27 1.50 6.84 -9.51
N ILE A 28 0.25 6.49 -9.75
CA ILE A 28 -0.87 7.38 -9.45
C ILE A 28 -1.42 7.12 -8.05
N PHE A 29 -0.56 6.61 -7.17
CA PHE A 29 -0.97 6.32 -5.80
C PHE A 29 -2.02 5.22 -5.77
N GLY A 30 -1.74 4.13 -6.46
CA GLY A 30 -2.67 3.01 -6.50
C GLY A 30 -3.06 2.53 -5.12
N LEU A 31 -3.91 1.51 -5.06
CA LEU A 31 -4.35 0.96 -3.79
C LEU A 31 -3.54 -0.28 -3.43
N CYS A 32 -3.06 -0.34 -2.20
CA CYS A 32 -2.27 -1.47 -1.72
C CYS A 32 -3.05 -2.77 -1.88
N VAL A 33 -2.32 -3.88 -1.96
CA VAL A 33 -2.94 -5.19 -2.11
C VAL A 33 -2.88 -5.98 -0.81
N PRO A 34 -4.03 -6.57 -0.43
CA PRO A 34 -4.14 -7.36 0.81
C PRO A 34 -3.36 -8.67 0.72
N ASP A 35 -2.22 -8.73 1.41
CA ASP A 35 -1.39 -9.92 1.42
C ASP A 35 -1.98 -10.99 2.33
N VAL A 36 -2.63 -11.99 1.73
CA VAL A 36 -3.24 -13.07 2.48
C VAL A 36 -2.33 -14.29 2.53
N LEU A 1 -11.71 -7.72 4.62
CA LEU A 1 -10.45 -7.52 5.32
C LEU A 1 -10.49 -6.27 6.19
N PRO A 2 -9.59 -6.20 7.18
CA PRO A 2 -9.51 -5.06 8.10
C PRO A 2 -9.01 -3.80 7.41
N ARG A 3 -8.73 -2.77 8.21
CA ARG A 3 -8.23 -1.50 7.68
C ARG A 3 -6.75 -1.58 7.36
N CYS A 4 -6.32 -0.80 6.39
CA CYS A 4 -4.91 -0.78 5.99
C CYS A 4 -4.18 0.40 6.62
N ASP A 5 -2.87 0.46 6.40
CA ASP A 5 -2.05 1.53 6.96
C ASP A 5 -2.43 2.87 6.34
N SER A 6 -2.50 2.91 5.01
CA SER A 6 -2.85 4.13 4.30
C SER A 6 -3.60 3.82 3.01
N PRO A 7 -4.31 4.81 2.47
CA PRO A 7 -5.08 4.66 1.24
C PRO A 7 -4.19 4.52 0.01
N PHE A 8 -3.20 5.40 -0.10
CA PHE A 8 -2.28 5.37 -1.23
C PHE A 8 -0.85 5.63 -0.78
N CYS A 9 0.12 5.29 -1.62
CA CYS A 9 1.52 5.48 -1.30
C CYS A 9 2.39 5.29 -2.54
N SER A 10 3.53 5.98 -2.58
CA SER A 10 4.45 5.89 -3.71
C SER A 10 5.09 4.51 -3.78
N LEU A 11 5.41 4.07 -4.99
CA LEU A 11 6.03 2.76 -5.20
C LEU A 11 7.25 2.60 -4.31
N PHE A 12 7.99 3.68 -4.11
CA PHE A 12 9.19 3.65 -3.28
C PHE A 12 8.81 3.68 -1.80
N ARG A 13 7.75 4.40 -1.47
CA ARG A 13 7.28 4.52 -0.09
C ARG A 13 6.49 3.28 0.32
N ILE A 14 7.17 2.15 0.41
CA ILE A 14 6.52 0.89 0.81
C ILE A 14 6.45 0.76 2.32
N GLY A 15 7.48 1.27 3.00
CA GLY A 15 7.51 1.19 4.45
C GLY A 15 6.24 1.73 5.09
N LEU A 16 5.64 2.71 4.46
CA LEU A 16 4.41 3.31 4.98
C LEU A 16 3.26 2.31 4.93
N CYS A 17 3.08 1.68 3.77
CA CYS A 17 2.01 0.69 3.61
C CYS A 17 2.56 -0.73 3.75
N GLY A 18 2.94 -1.10 4.96
CA GLY A 18 3.47 -2.42 5.21
C GLY A 18 3.11 -2.95 6.57
N ASP A 19 1.95 -2.52 7.08
CA ASP A 19 1.49 -2.96 8.40
C ASP A 19 0.46 -4.07 8.27
N LYS A 20 -0.43 -3.94 7.30
CA LYS A 20 -1.47 -4.94 7.07
C LYS A 20 -1.48 -5.39 5.61
N CYS A 21 -1.19 -4.45 4.71
CA CYS A 21 -1.17 -4.75 3.28
C CYS A 21 0.10 -4.21 2.64
N THR A 22 0.24 -4.44 1.33
CA THR A 22 1.41 -3.99 0.59
C THR A 22 1.13 -2.67 -0.12
N CYS A 23 2.18 -1.87 -0.31
CA CYS A 23 2.06 -0.58 -0.98
C CYS A 23 1.71 -0.77 -2.46
N VAL A 24 0.96 0.18 -3.00
CA VAL A 24 0.57 0.12 -4.41
C VAL A 24 1.73 0.51 -5.32
N PRO A 25 2.07 -0.40 -6.24
CA PRO A 25 3.16 -0.19 -7.20
C PRO A 25 2.83 0.88 -8.23
N LEU A 26 1.55 0.98 -8.58
CA LEU A 26 1.09 1.97 -9.55
C LEU A 26 1.60 3.36 -9.20
N PRO A 27 2.17 4.04 -10.20
CA PRO A 27 2.71 5.40 -10.03
C PRO A 27 1.61 6.43 -9.82
N ILE A 28 0.37 6.01 -9.99
CA ILE A 28 -0.78 6.90 -9.82
C ILE A 28 -1.32 6.83 -8.39
N PHE A 29 -0.45 6.48 -7.46
CA PHE A 29 -0.84 6.38 -6.05
C PHE A 29 -2.09 5.52 -5.90
N GLY A 30 -2.08 4.34 -6.53
CA GLY A 30 -3.21 3.45 -6.45
C GLY A 30 -3.51 3.01 -5.03
N LEU A 31 -4.30 1.96 -4.88
CA LEU A 31 -4.68 1.44 -3.58
C LEU A 31 -3.77 0.26 -3.19
N CYS A 32 -3.43 0.17 -1.91
CA CYS A 32 -2.59 -0.90 -1.41
C CYS A 32 -3.20 -2.26 -1.72
N VAL A 33 -2.36 -3.20 -2.16
CA VAL A 33 -2.82 -4.54 -2.48
C VAL A 33 -2.42 -5.54 -1.40
N PRO A 34 -3.38 -6.38 -0.99
CA PRO A 34 -3.16 -7.40 0.04
C PRO A 34 -2.25 -8.51 -0.43
N ASP A 35 -1.28 -8.88 0.40
CA ASP A 35 -0.34 -9.95 0.06
C ASP A 35 -0.99 -11.32 0.22
N VAL A 36 -1.64 -11.79 -0.84
CA VAL A 36 -2.30 -13.08 -0.81
C VAL A 36 -1.56 -14.10 -1.68
N LEU A 1 -13.04 -7.63 3.47
CA LEU A 1 -11.59 -7.66 3.66
C LEU A 1 -11.15 -6.60 4.66
N PRO A 2 -10.00 -6.84 5.31
CA PRO A 2 -9.45 -5.91 6.30
C PRO A 2 -8.93 -4.62 5.67
N ARG A 3 -8.81 -3.57 6.46
CA ARG A 3 -8.33 -2.28 5.98
C ARG A 3 -6.80 -2.24 5.99
N CYS A 4 -6.25 -1.28 5.26
CA CYS A 4 -4.80 -1.12 5.18
C CYS A 4 -4.31 -0.08 6.18
N ASP A 5 -3.00 0.17 6.18
CA ASP A 5 -2.40 1.14 7.08
C ASP A 5 -2.71 2.57 6.63
N SER A 6 -2.24 2.91 5.43
CA SER A 6 -2.46 4.24 4.89
C SER A 6 -3.40 4.18 3.68
N PRO A 7 -3.99 5.34 3.34
CA PRO A 7 -4.92 5.45 2.21
C PRO A 7 -4.21 5.30 0.87
N PHE A 8 -3.00 5.84 0.77
CA PHE A 8 -2.22 5.78 -0.45
C PHE A 8 -0.76 5.43 -0.16
N CYS A 9 0.01 5.18 -1.20
CA CYS A 9 1.42 4.84 -1.07
C CYS A 9 2.09 4.72 -2.43
N SER A 10 3.34 5.18 -2.50
CA SER A 10 4.10 5.12 -3.75
C SER A 10 5.21 4.09 -3.67
N LEU A 11 5.52 3.47 -4.80
CA LEU A 11 6.57 2.46 -4.86
C LEU A 11 7.87 2.97 -4.26
N PHE A 12 8.08 4.28 -4.37
CA PHE A 12 9.28 4.92 -3.84
C PHE A 12 9.32 4.81 -2.32
N ARG A 13 8.15 4.87 -1.70
CA ARG A 13 8.05 4.78 -0.25
C ARG A 13 7.13 3.63 0.17
N ILE A 14 7.56 2.41 -0.14
CA ILE A 14 6.78 1.23 0.19
C ILE A 14 6.67 1.05 1.70
N GLY A 15 7.72 1.46 2.41
CA GLY A 15 7.72 1.35 3.86
C GLY A 15 6.47 1.92 4.49
N LEU A 16 5.91 2.95 3.87
CA LEU A 16 4.70 3.59 4.37
C LEU A 16 3.55 2.60 4.45
N CYS A 17 3.32 1.88 3.36
CA CYS A 17 2.25 0.89 3.31
C CYS A 17 2.80 -0.52 3.53
N GLY A 18 3.27 -0.78 4.75
CA GLY A 18 3.81 -2.08 5.07
C GLY A 18 3.41 -2.55 6.45
N ASP A 19 2.27 -2.08 6.93
CA ASP A 19 1.77 -2.45 8.25
C ASP A 19 0.71 -3.55 8.14
N LYS A 20 -0.17 -3.42 7.15
CA LYS A 20 -1.24 -4.39 6.94
C LYS A 20 -1.25 -4.87 5.49
N CYS A 21 -0.94 -3.97 4.58
CA CYS A 21 -0.92 -4.30 3.16
C CYS A 21 0.43 -3.93 2.53
N THR A 22 0.56 -4.20 1.23
CA THR A 22 1.80 -3.89 0.52
C THR A 22 1.60 -2.74 -0.46
N CYS A 23 2.65 -1.93 -0.62
CA CYS A 23 2.58 -0.79 -1.53
C CYS A 23 2.48 -1.25 -2.98
N VAL A 24 1.80 -0.46 -3.81
CA VAL A 24 1.64 -0.78 -5.22
C VAL A 24 2.61 0.01 -6.08
N PRO A 25 2.97 -0.56 -7.24
CA PRO A 25 3.90 0.08 -8.17
C PRO A 25 3.30 1.30 -8.86
N LEU A 26 1.98 1.32 -8.97
CA LEU A 26 1.28 2.43 -9.60
C LEU A 26 1.72 3.76 -8.98
N PRO A 27 2.37 4.61 -9.81
CA PRO A 27 2.85 5.91 -9.37
C PRO A 27 1.71 6.90 -9.12
N ILE A 28 0.50 6.49 -9.45
CA ILE A 28 -0.67 7.33 -9.26
C ILE A 28 -1.32 7.07 -7.89
N PHE A 29 -0.50 6.62 -6.94
CA PHE A 29 -0.99 6.33 -5.60
C PHE A 29 -2.02 5.21 -5.62
N GLY A 30 -1.69 4.12 -6.30
CA GLY A 30 -2.60 2.98 -6.38
C GLY A 30 -3.06 2.50 -5.03
N LEU A 31 -3.91 1.49 -5.02
CA LEU A 31 -4.43 0.93 -3.77
C LEU A 31 -3.64 -0.31 -3.37
N CYS A 32 -3.12 -0.29 -2.14
CA CYS A 32 -2.33 -1.41 -1.62
C CYS A 32 -3.16 -2.70 -1.67
N VAL A 33 -2.46 -3.83 -1.79
CA VAL A 33 -3.13 -5.13 -1.84
C VAL A 33 -2.98 -5.87 -0.51
N PRO A 34 -4.10 -6.43 -0.02
CA PRO A 34 -4.13 -7.17 1.23
C PRO A 34 -3.39 -8.50 1.14
N ASP A 35 -2.25 -8.61 1.83
CA ASP A 35 -1.46 -9.82 1.83
C ASP A 35 -2.15 -10.92 2.65
N VAL A 36 -2.87 -11.80 1.97
CA VAL A 36 -3.56 -12.90 2.63
C VAL A 36 -2.80 -14.20 2.49
N LEU A 1 -9.83 -8.32 3.77
CA LEU A 1 -9.00 -7.86 4.88
C LEU A 1 -9.51 -6.53 5.43
N PRO A 2 -9.21 -6.26 6.70
CA PRO A 2 -9.64 -5.02 7.37
C PRO A 2 -8.91 -3.80 6.84
N ARG A 3 -9.15 -2.65 7.46
CA ARG A 3 -8.52 -1.41 7.05
C ARG A 3 -6.99 -1.55 7.02
N CYS A 4 -6.35 -0.80 6.13
CA CYS A 4 -4.90 -0.85 6.00
C CYS A 4 -4.25 0.34 6.69
N ASP A 5 -2.93 0.41 6.63
CA ASP A 5 -2.19 1.51 7.24
C ASP A 5 -2.66 2.85 6.71
N SER A 6 -2.51 3.05 5.40
CA SER A 6 -2.92 4.30 4.76
C SER A 6 -3.67 4.02 3.46
N PRO A 7 -4.44 5.02 3.00
CA PRO A 7 -5.22 4.91 1.76
C PRO A 7 -4.34 4.88 0.52
N PHE A 8 -3.39 5.80 0.44
CA PHE A 8 -2.48 5.88 -0.69
C PHE A 8 -1.06 5.48 -0.28
N CYS A 9 -0.19 5.33 -1.27
CA CYS A 9 1.19 4.95 -1.02
C CYS A 9 2.00 4.95 -2.31
N SER A 10 3.25 5.40 -2.23
CA SER A 10 4.13 5.45 -3.39
C SER A 10 5.14 4.30 -3.37
N LEU A 11 5.55 3.86 -4.54
CA LEU A 11 6.51 2.77 -4.66
C LEU A 11 7.80 3.10 -3.91
N PHE A 12 8.18 4.37 -3.94
CA PHE A 12 9.40 4.82 -3.27
C PHE A 12 9.26 4.68 -1.76
N ARG A 13 8.05 4.88 -1.25
CA ARG A 13 7.78 4.77 0.18
C ARG A 13 6.87 3.58 0.47
N ILE A 14 7.36 2.38 0.20
CA ILE A 14 6.59 1.17 0.44
C ILE A 14 6.34 0.95 1.93
N GLY A 15 7.31 1.36 2.75
CA GLY A 15 7.19 1.21 4.19
C GLY A 15 5.88 1.78 4.72
N LEU A 16 5.39 2.84 4.08
CA LEU A 16 4.14 3.47 4.48
C LEU A 16 3.00 2.46 4.49
N CYS A 17 2.86 1.73 3.39
CA CYS A 17 1.80 0.73 3.27
C CYS A 17 2.34 -0.67 3.55
N GLY A 18 2.70 -0.92 4.81
CA GLY A 18 3.22 -2.22 5.18
C GLY A 18 2.78 -2.65 6.57
N ASP A 19 1.58 -2.22 6.97
CA ASP A 19 1.04 -2.56 8.28
C ASP A 19 0.05 -3.71 8.17
N LYS A 20 -0.78 -3.67 7.13
CA LYS A 20 -1.78 -4.70 6.91
C LYS A 20 -1.68 -5.27 5.50
N CYS A 21 -1.33 -4.41 4.55
CA CYS A 21 -1.20 -4.83 3.15
C CYS A 21 0.09 -4.29 2.55
N THR A 22 0.32 -4.61 1.28
CA THR A 22 1.52 -4.16 0.58
C THR A 22 1.25 -2.86 -0.18
N CYS A 23 2.30 -2.07 -0.38
CA CYS A 23 2.18 -0.81 -1.09
C CYS A 23 1.85 -1.04 -2.56
N VAL A 24 1.11 -0.10 -3.15
CA VAL A 24 0.73 -0.20 -4.56
C VAL A 24 1.91 0.15 -5.47
N PRO A 25 2.22 -0.77 -6.40
CA PRO A 25 3.32 -0.57 -7.35
C PRO A 25 3.03 0.51 -8.37
N LEU A 26 1.74 0.72 -8.64
CA LEU A 26 1.31 1.73 -9.61
C LEU A 26 1.96 3.08 -9.30
N PRO A 27 2.54 3.71 -10.33
CA PRO A 27 3.19 5.01 -10.21
C PRO A 27 2.19 6.14 -9.94
N ILE A 28 0.91 5.85 -10.15
CA ILE A 28 -0.13 6.84 -9.94
C ILE A 28 -0.70 6.75 -8.52
N PHE A 29 0.13 6.26 -7.60
CA PHE A 29 -0.28 6.12 -6.20
C PHE A 29 -1.61 5.37 -6.09
N GLY A 30 -1.71 4.24 -6.79
CA GLY A 30 -2.92 3.45 -6.76
C GLY A 30 -3.27 2.97 -5.37
N LEU A 31 -4.16 1.99 -5.29
CA LEU A 31 -4.59 1.45 -4.00
C LEU A 31 -3.80 0.18 -3.66
N CYS A 32 -3.44 0.03 -2.39
CA CYS A 32 -2.70 -1.13 -1.93
C CYS A 32 -3.44 -2.42 -2.25
N VAL A 33 -2.68 -3.48 -2.49
CA VAL A 33 -3.27 -4.78 -2.82
C VAL A 33 -3.24 -5.71 -1.62
N PRO A 34 -4.38 -6.37 -1.35
CA PRO A 34 -4.51 -7.30 -0.23
C PRO A 34 -3.69 -8.58 -0.43
N ASP A 35 -2.56 -8.67 0.24
CA ASP A 35 -1.70 -9.85 0.14
C ASP A 35 -2.43 -11.10 0.59
N VAL A 36 -2.99 -11.84 -0.36
CA VAL A 36 -3.72 -13.06 -0.06
C VAL A 36 -2.79 -14.27 -0.05
N LEU A 1 -12.41 -7.72 5.49
CA LEU A 1 -11.08 -7.55 6.06
C LEU A 1 -10.85 -6.11 6.49
N PRO A 2 -9.88 -5.90 7.40
CA PRO A 2 -9.54 -4.57 7.90
C PRO A 2 -8.88 -3.69 6.85
N ARG A 3 -8.79 -2.41 7.13
CA ARG A 3 -8.17 -1.46 6.21
C ARG A 3 -6.65 -1.55 6.27
N CYS A 4 -6.00 -1.17 5.17
CA CYS A 4 -4.55 -1.21 5.10
C CYS A 4 -3.93 -0.12 5.98
N ASP A 5 -2.60 -0.11 6.05
CA ASP A 5 -1.89 0.87 6.86
C ASP A 5 -2.18 2.29 6.37
N SER A 6 -2.10 2.48 5.05
CA SER A 6 -2.34 3.79 4.46
C SER A 6 -3.17 3.66 3.18
N PRO A 7 -3.80 4.77 2.77
CA PRO A 7 -4.63 4.80 1.57
C PRO A 7 -3.82 4.67 0.29
N PHE A 8 -2.70 5.39 0.23
CA PHE A 8 -1.82 5.34 -0.93
C PHE A 8 -0.37 5.52 -0.52
N CYS A 9 0.54 5.21 -1.45
CA CYS A 9 1.97 5.33 -1.19
C CYS A 9 2.75 5.48 -2.49
N SER A 10 4.04 5.76 -2.37
CA SER A 10 4.90 5.93 -3.54
C SER A 10 5.89 4.78 -3.65
N LEU A 11 6.54 4.68 -4.81
CA LEU A 11 7.52 3.63 -5.06
C LEU A 11 8.59 3.63 -3.98
N PHE A 12 8.96 4.82 -3.50
CA PHE A 12 9.98 4.94 -2.46
C PHE A 12 9.37 4.71 -1.09
N ARG A 13 8.12 5.12 -0.91
CA ARG A 13 7.44 4.96 0.36
C ARG A 13 6.70 3.62 0.42
N ILE A 14 7.41 2.55 0.10
CA ILE A 14 6.83 1.22 0.11
C ILE A 14 6.71 0.69 1.53
N GLY A 15 7.67 1.04 2.37
CA GLY A 15 7.66 0.59 3.75
C GLY A 15 6.46 1.11 4.51
N LEU A 16 6.01 2.31 4.18
CA LEU A 16 4.86 2.92 4.84
C LEU A 16 3.63 2.02 4.73
N CYS A 17 3.34 1.56 3.52
CA CYS A 17 2.19 0.69 3.29
C CYS A 17 2.62 -0.77 3.21
N GLY A 18 3.43 -1.20 4.17
CA GLY A 18 3.90 -2.56 4.20
C GLY A 18 3.72 -3.23 5.55
N ASP A 19 2.67 -2.82 6.26
CA ASP A 19 2.39 -3.38 7.58
C ASP A 19 1.28 -4.43 7.50
N LYS A 20 0.27 -4.15 6.69
CA LYS A 20 -0.84 -5.07 6.52
C LYS A 20 -1.05 -5.43 5.05
N CYS A 21 -0.78 -4.47 4.17
CA CYS A 21 -0.92 -4.67 2.74
C CYS A 21 0.36 -4.32 2.01
N THR A 22 0.36 -4.48 0.68
CA THR A 22 1.52 -4.18 -0.14
C THR A 22 1.34 -2.87 -0.88
N CYS A 23 2.43 -2.11 -1.02
CA CYS A 23 2.39 -0.83 -1.72
C CYS A 23 2.15 -1.03 -3.20
N VAL A 24 1.47 -0.08 -3.82
CA VAL A 24 1.18 -0.14 -5.25
C VAL A 24 2.23 0.60 -6.06
N PRO A 25 2.87 -0.12 -7.00
CA PRO A 25 3.91 0.47 -7.86
C PRO A 25 3.33 1.45 -8.87
N LEU A 26 2.06 1.29 -9.20
CA LEU A 26 1.39 2.16 -10.15
C LEU A 26 1.60 3.63 -9.78
N PRO A 27 1.93 4.46 -10.78
CA PRO A 27 2.16 5.89 -10.59
C PRO A 27 0.87 6.64 -10.26
N ILE A 28 -0.26 5.94 -10.34
CA ILE A 28 -1.56 6.54 -10.06
C ILE A 28 -1.93 6.38 -8.58
N PHE A 29 -0.91 6.22 -7.73
CA PHE A 29 -1.13 6.05 -6.31
C PHE A 29 -2.18 4.99 -6.04
N GLY A 30 -2.03 3.84 -6.68
CA GLY A 30 -2.98 2.75 -6.51
C GLY A 30 -3.21 2.43 -5.04
N LEU A 31 -4.19 1.57 -4.77
CA LEU A 31 -4.51 1.17 -3.41
C LEU A 31 -3.84 -0.14 -3.05
N CYS A 32 -3.21 -0.18 -1.88
CA CYS A 32 -2.52 -1.37 -1.41
C CYS A 32 -3.47 -2.56 -1.36
N VAL A 33 -2.96 -3.74 -1.68
CA VAL A 33 -3.77 -4.96 -1.67
C VAL A 33 -3.46 -5.81 -0.44
N PRO A 34 -4.51 -6.28 0.24
CA PRO A 34 -4.38 -7.11 1.43
C PRO A 34 -3.84 -8.50 1.12
N ASP A 35 -2.62 -8.77 1.57
CA ASP A 35 -1.99 -10.07 1.33
C ASP A 35 -2.81 -11.20 1.98
N VAL A 36 -3.65 -11.84 1.18
CA VAL A 36 -4.48 -12.92 1.68
C VAL A 36 -3.89 -14.28 1.30
N LEU A 1 -11.42 -8.79 6.32
CA LEU A 1 -10.24 -8.24 6.98
C LEU A 1 -10.37 -6.73 7.17
N PRO A 2 -9.67 -6.20 8.19
CA PRO A 2 -9.70 -4.77 8.50
C PRO A 2 -8.99 -3.93 7.44
N ARG A 3 -9.16 -2.61 7.52
CA ARG A 3 -8.53 -1.70 6.57
C ARG A 3 -7.01 -1.83 6.62
N CYS A 4 -6.35 -1.39 5.55
CA CYS A 4 -4.90 -1.44 5.48
C CYS A 4 -4.27 -0.31 6.27
N ASP A 5 -2.94 -0.24 6.25
CA ASP A 5 -2.21 0.80 6.97
C ASP A 5 -2.53 2.17 6.40
N SER A 6 -2.21 2.38 5.13
CA SER A 6 -2.45 3.66 4.47
C SER A 6 -3.28 3.47 3.20
N PRO A 7 -3.91 4.55 2.74
CA PRO A 7 -4.76 4.53 1.54
C PRO A 7 -3.94 4.35 0.27
N PHE A 8 -2.87 5.14 0.13
CA PHE A 8 -2.01 5.06 -1.04
C PHE A 8 -0.55 5.34 -0.65
N CYS A 9 0.34 5.22 -1.63
CA CYS A 9 1.76 5.45 -1.40
C CYS A 9 2.55 5.36 -2.70
N SER A 10 3.82 5.74 -2.65
CA SER A 10 4.68 5.70 -3.83
C SER A 10 5.53 4.44 -3.84
N LEU A 11 5.94 4.01 -5.04
CA LEU A 11 6.76 2.81 -5.18
C LEU A 11 7.99 2.88 -4.29
N PHE A 12 8.55 4.08 -4.14
CA PHE A 12 9.72 4.29 -3.31
C PHE A 12 9.36 4.28 -1.84
N ARG A 13 8.17 4.78 -1.52
CA ARG A 13 7.69 4.83 -0.14
C ARG A 13 6.85 3.61 0.19
N ILE A 14 7.42 2.43 -0.03
CA ILE A 14 6.72 1.18 0.26
C ILE A 14 6.62 0.93 1.75
N GLY A 15 7.66 1.33 2.48
CA GLY A 15 7.67 1.13 3.92
C GLY A 15 6.45 1.73 4.59
N LEU A 16 5.94 2.82 4.04
CA LEU A 16 4.77 3.49 4.59
C LEU A 16 3.59 2.53 4.68
N CYS A 17 3.32 1.83 3.57
CA CYS A 17 2.22 0.89 3.52
C CYS A 17 2.72 -0.55 3.71
N GLY A 18 3.23 -0.83 4.90
CA GLY A 18 3.74 -2.16 5.20
C GLY A 18 3.40 -2.61 6.60
N ASP A 19 2.28 -2.13 7.13
CA ASP A 19 1.86 -2.49 8.48
C ASP A 19 0.80 -3.60 8.45
N LYS A 20 -0.12 -3.49 7.49
CA LYS A 20 -1.19 -4.47 7.35
C LYS A 20 -1.23 -5.03 5.93
N CYS A 21 -0.92 -4.18 4.96
CA CYS A 21 -0.91 -4.59 3.57
C CYS A 21 0.34 -4.08 2.84
N THR A 22 0.46 -4.41 1.57
CA THR A 22 1.60 -3.98 0.77
C THR A 22 1.31 -2.68 0.02
N CYS A 23 2.35 -1.92 -0.25
CA CYS A 23 2.21 -0.65 -0.97
C CYS A 23 1.78 -0.89 -2.41
N VAL A 24 1.01 0.05 -2.96
CA VAL A 24 0.54 -0.05 -4.33
C VAL A 24 1.65 0.27 -5.32
N PRO A 25 1.86 -0.62 -6.29
CA PRO A 25 2.89 -0.45 -7.32
C PRO A 25 2.55 0.67 -8.29
N LEU A 26 1.26 0.86 -8.55
CA LEU A 26 0.80 1.90 -9.46
C LEU A 26 1.42 3.25 -9.10
N PRO A 27 2.01 3.91 -10.11
CA PRO A 27 2.65 5.22 -9.93
C PRO A 27 1.63 6.33 -9.68
N ILE A 28 0.35 5.99 -9.83
CA ILE A 28 -0.72 6.96 -9.61
C ILE A 28 -1.24 6.90 -8.18
N PHE A 29 -0.37 6.46 -7.26
CA PHE A 29 -0.74 6.36 -5.85
C PHE A 29 -2.05 5.58 -5.69
N GLY A 30 -2.14 4.43 -6.35
CA GLY A 30 -3.35 3.62 -6.27
C GLY A 30 -3.61 3.13 -4.86
N LEU A 31 -4.41 2.08 -4.74
CA LEU A 31 -4.75 1.51 -3.44
C LEU A 31 -3.85 0.32 -3.11
N CYS A 32 -3.45 0.23 -1.85
CA CYS A 32 -2.59 -0.87 -1.41
C CYS A 32 -3.23 -2.21 -1.69
N VAL A 33 -2.40 -3.23 -1.90
CA VAL A 33 -2.88 -4.58 -2.18
C VAL A 33 -2.50 -5.54 -1.07
N PRO A 34 -3.48 -6.35 -0.62
CA PRO A 34 -3.27 -7.33 0.45
C PRO A 34 -2.38 -8.49 0.00
N ASP A 35 -1.45 -8.88 0.87
CA ASP A 35 -0.55 -9.98 0.57
C ASP A 35 -1.28 -11.32 0.60
N VAL A 36 -1.80 -11.74 -0.55
CA VAL A 36 -2.52 -13.00 -0.64
C VAL A 36 -1.56 -14.18 -0.74
N LEU A 1 -11.55 -8.21 6.61
CA LEU A 1 -10.34 -7.68 7.23
C LEU A 1 -10.35 -6.15 7.22
N PRO A 2 -9.61 -5.55 8.17
CA PRO A 2 -9.52 -4.10 8.29
C PRO A 2 -8.73 -3.46 7.14
N ARG A 3 -9.01 -2.20 6.86
CA ARG A 3 -8.33 -1.48 5.79
C ARG A 3 -6.82 -1.60 5.94
N CYS A 4 -6.11 -1.45 4.83
CA CYS A 4 -4.66 -1.53 4.83
C CYS A 4 -4.05 -0.50 5.78
N ASP A 5 -2.72 -0.48 5.86
CA ASP A 5 -2.03 0.46 6.72
C ASP A 5 -2.40 1.91 6.37
N SER A 6 -2.18 2.28 5.13
CA SER A 6 -2.49 3.63 4.67
C SER A 6 -3.38 3.60 3.42
N PRO A 7 -4.05 4.73 3.15
CA PRO A 7 -4.95 4.85 1.99
C PRO A 7 -4.18 4.87 0.67
N PHE A 8 -3.02 5.52 0.67
CA PHE A 8 -2.19 5.61 -0.52
C PHE A 8 -0.77 5.19 -0.23
N CYS A 9 0.07 5.18 -1.27
CA CYS A 9 1.47 4.80 -1.12
C CYS A 9 2.23 4.98 -2.43
N SER A 10 3.48 5.42 -2.33
CA SER A 10 4.30 5.65 -3.51
C SER A 10 5.34 4.54 -3.66
N LEU A 11 5.91 4.44 -4.85
CA LEU A 11 6.93 3.42 -5.13
C LEU A 11 8.17 3.64 -4.28
N PHE A 12 8.60 4.89 -4.18
CA PHE A 12 9.78 5.23 -3.40
C PHE A 12 9.54 4.98 -1.92
N ARG A 13 8.30 5.19 -1.48
CA ARG A 13 7.93 4.99 -0.09
C ARG A 13 7.10 3.72 0.08
N ILE A 14 7.69 2.59 -0.29
CA ILE A 14 7.00 1.30 -0.19
C ILE A 14 6.78 0.91 1.28
N GLY A 15 7.74 1.27 2.13
CA GLY A 15 7.62 0.95 3.54
C GLY A 15 6.33 1.43 4.15
N LEU A 16 5.83 2.57 3.66
CA LEU A 16 4.57 3.13 4.15
C LEU A 16 3.47 2.09 4.13
N CYS A 17 3.31 1.42 3.00
CA CYS A 17 2.28 0.40 2.85
C CYS A 17 2.87 -1.00 3.04
N GLY A 18 3.38 -1.26 4.23
CA GLY A 18 3.96 -2.56 4.53
C GLY A 18 3.63 -3.06 5.92
N ASP A 19 2.49 -2.60 6.44
CA ASP A 19 2.06 -3.01 7.78
C ASP A 19 0.99 -4.09 7.69
N LYS A 20 0.07 -3.95 6.73
CA LYS A 20 -0.99 -4.92 6.55
C LYS A 20 -1.07 -5.37 5.09
N CYS A 21 -0.79 -4.46 4.18
CA CYS A 21 -0.82 -4.75 2.75
C CYS A 21 0.50 -4.38 2.09
N THR A 22 0.59 -4.63 0.78
CA THR A 22 1.80 -4.33 0.03
C THR A 22 1.59 -3.11 -0.87
N CYS A 23 2.63 -2.28 -0.99
CA CYS A 23 2.56 -1.09 -1.82
C CYS A 23 2.48 -1.46 -3.30
N VAL A 24 1.79 -0.63 -4.07
CA VAL A 24 1.64 -0.86 -5.50
C VAL A 24 2.70 -0.10 -6.30
N PRO A 25 3.04 -0.64 -7.49
CA PRO A 25 4.03 -0.03 -8.37
C PRO A 25 3.55 1.29 -8.98
N LEU A 26 2.24 1.41 -9.14
CA LEU A 26 1.65 2.62 -9.71
C LEU A 26 2.15 3.86 -8.98
N PRO A 27 2.89 4.71 -9.72
CA PRO A 27 3.45 5.96 -9.18
C PRO A 27 2.38 6.99 -8.88
N ILE A 28 1.14 6.69 -9.27
CA ILE A 28 0.02 7.59 -9.05
C ILE A 28 -0.68 7.29 -7.73
N PHE A 29 0.08 6.72 -6.79
CA PHE A 29 -0.47 6.37 -5.49
C PHE A 29 -1.59 5.34 -5.61
N GLY A 30 -1.32 4.27 -6.36
CA GLY A 30 -2.31 3.23 -6.55
C GLY A 30 -2.83 2.68 -5.24
N LEU A 31 -3.76 1.74 -5.32
CA LEU A 31 -4.35 1.12 -4.13
C LEU A 31 -3.64 -0.19 -3.80
N CYS A 32 -3.14 -0.27 -2.57
CA CYS A 32 -2.46 -1.48 -2.12
C CYS A 32 -3.35 -2.71 -2.26
N VAL A 33 -2.73 -3.88 -2.40
CA VAL A 33 -3.47 -5.12 -2.54
C VAL A 33 -3.39 -5.95 -1.26
N PRO A 34 -4.55 -6.47 -0.82
CA PRO A 34 -4.64 -7.30 0.39
C PRO A 34 -3.99 -8.65 0.21
N ASP A 35 -2.98 -8.94 1.03
CA ASP A 35 -2.27 -10.21 0.95
C ASP A 35 -2.97 -11.26 1.83
N VAL A 36 -4.11 -11.75 1.36
CA VAL A 36 -4.87 -12.75 2.09
C VAL A 36 -4.12 -14.08 2.14
N LEU A 1 -12.34 -7.96 6.23
CA LEU A 1 -10.89 -7.91 6.09
C LEU A 1 -10.32 -6.73 6.87
N PRO A 2 -9.01 -6.80 7.17
CA PRO A 2 -8.31 -5.74 7.92
C PRO A 2 -8.15 -4.48 7.09
N ARG A 3 -8.05 -3.34 7.78
CA ARG A 3 -7.89 -2.05 7.11
C ARG A 3 -6.42 -1.80 6.77
N CYS A 4 -6.19 -1.09 5.66
CA CYS A 4 -4.84 -0.78 5.23
C CYS A 4 -4.23 0.31 6.09
N ASP A 5 -2.93 0.54 5.91
CA ASP A 5 -2.22 1.56 6.67
C ASP A 5 -2.56 2.96 6.16
N SER A 6 -2.56 3.11 4.84
CA SER A 6 -2.87 4.40 4.23
C SER A 6 -3.62 4.20 2.91
N PRO A 7 -4.31 5.27 2.46
CA PRO A 7 -5.08 5.24 1.21
C PRO A 7 -4.18 5.17 -0.02
N PHE A 8 -3.17 6.03 -0.06
CA PHE A 8 -2.24 6.05 -1.19
C PHE A 8 -0.80 5.92 -0.70
N CYS A 9 0.13 5.81 -1.65
CA CYS A 9 1.55 5.67 -1.33
C CYS A 9 2.40 5.70 -2.59
N SER A 10 3.71 5.73 -2.41
CA SER A 10 4.64 5.77 -3.54
C SER A 10 5.37 4.44 -3.69
N LEU A 11 5.79 4.14 -4.91
CA LEU A 11 6.50 2.89 -5.19
C LEU A 11 7.67 2.70 -4.23
N PHE A 12 8.31 3.79 -3.85
CA PHE A 12 9.45 3.74 -2.93
C PHE A 12 8.97 3.75 -1.48
N ARG A 13 7.87 4.47 -1.23
CA ARG A 13 7.32 4.57 0.11
C ARG A 13 6.50 3.32 0.45
N ILE A 14 7.17 2.19 0.53
CA ILE A 14 6.50 0.93 0.86
C ILE A 14 6.38 0.74 2.36
N GLY A 15 7.38 1.22 3.10
CA GLY A 15 7.36 1.10 4.54
C GLY A 15 6.07 1.59 5.15
N LEU A 16 5.60 2.75 4.70
CA LEU A 16 4.36 3.33 5.21
C LEU A 16 3.19 2.37 5.03
N CYS A 17 3.06 1.82 3.83
CA CYS A 17 1.98 0.87 3.53
C CYS A 17 2.49 -0.56 3.60
N GLY A 18 2.98 -0.96 4.77
CA GLY A 18 3.49 -2.31 4.95
C GLY A 18 3.07 -2.92 6.26
N ASP A 19 1.89 -2.53 6.75
CA ASP A 19 1.37 -3.04 8.01
C ASP A 19 0.35 -4.15 7.77
N LYS A 20 -0.50 -3.96 6.76
CA LYS A 20 -1.52 -4.94 6.42
C LYS A 20 -1.50 -5.26 4.93
N CYS A 21 -1.20 -4.25 4.11
CA CYS A 21 -1.13 -4.41 2.67
C CYS A 21 0.21 -3.96 2.12
N THR A 22 0.38 -4.08 0.81
CA THR A 22 1.62 -3.67 0.16
C THR A 22 1.36 -2.58 -0.88
N CYS A 23 2.36 -1.74 -1.11
CA CYS A 23 2.24 -0.65 -2.07
C CYS A 23 2.16 -1.20 -3.50
N VAL A 24 1.45 -0.49 -4.36
CA VAL A 24 1.29 -0.91 -5.75
C VAL A 24 2.24 -0.14 -6.67
N PRO A 25 2.59 -0.74 -7.81
CA PRO A 25 3.49 -0.14 -8.79
C PRO A 25 2.86 1.05 -9.50
N LEU A 26 1.53 1.17 -9.39
CA LEU A 26 0.81 2.26 -10.02
C LEU A 26 1.43 3.61 -9.67
N PRO A 27 1.99 4.29 -10.68
CA PRO A 27 2.63 5.59 -10.50
C PRO A 27 1.62 6.70 -10.18
N ILE A 28 0.34 6.38 -10.36
CA ILE A 28 -0.72 7.35 -10.09
C ILE A 28 -1.23 7.21 -8.66
N PHE A 29 -0.37 6.74 -7.77
CA PHE A 29 -0.73 6.56 -6.37
C PHE A 29 -1.84 5.51 -6.22
N GLY A 30 -1.65 4.36 -6.86
CA GLY A 30 -2.63 3.30 -6.79
C GLY A 30 -2.96 2.91 -5.36
N LEU A 31 -3.83 1.91 -5.20
CA LEU A 31 -4.22 1.45 -3.88
C LEU A 31 -3.46 0.18 -3.50
N CYS A 32 -2.95 0.15 -2.27
CA CYS A 32 -2.20 -1.00 -1.78
C CYS A 32 -3.03 -2.27 -1.88
N VAL A 33 -2.35 -3.41 -2.00
CA VAL A 33 -3.02 -4.69 -2.11
C VAL A 33 -2.96 -5.45 -0.79
N PRO A 34 -4.10 -6.00 -0.37
CA PRO A 34 -4.21 -6.76 0.88
C PRO A 34 -3.49 -8.11 0.80
N ASP A 35 -2.48 -8.27 1.64
CA ASP A 35 -1.70 -9.51 1.67
C ASP A 35 -2.55 -10.67 2.18
N VAL A 36 -3.08 -11.46 1.26
CA VAL A 36 -3.91 -12.60 1.61
C VAL A 36 -3.06 -13.83 1.91
N LEU A 1 -11.89 -7.84 5.12
CA LEU A 1 -10.69 -7.54 5.88
C LEU A 1 -10.65 -6.07 6.28
N PRO A 2 -9.84 -5.76 7.31
CA PRO A 2 -9.69 -4.38 7.81
C PRO A 2 -8.97 -3.48 6.82
N ARG A 3 -9.23 -2.18 6.91
CA ARG A 3 -8.61 -1.21 6.03
C ARG A 3 -7.09 -1.34 6.05
N CYS A 4 -6.44 -0.95 4.96
CA CYS A 4 -4.99 -1.03 4.86
C CYS A 4 -4.32 -0.04 5.80
N ASP A 5 -2.99 -0.04 5.81
CA ASP A 5 -2.23 0.86 6.65
C ASP A 5 -2.47 2.32 6.28
N SER A 6 -2.12 2.67 5.04
CA SER A 6 -2.29 4.03 4.56
C SER A 6 -3.23 4.06 3.36
N PRO A 7 -3.80 5.25 3.08
CA PRO A 7 -4.73 5.44 1.96
C PRO A 7 -4.03 5.32 0.60
N PHE A 8 -2.89 6.00 0.47
CA PHE A 8 -2.14 5.98 -0.78
C PHE A 8 -0.63 5.85 -0.49
N CYS A 9 0.11 5.40 -1.50
CA CYS A 9 1.55 5.24 -1.37
C CYS A 9 2.26 5.47 -2.70
N SER A 10 3.58 5.48 -2.68
CA SER A 10 4.37 5.71 -3.88
C SER A 10 5.33 4.54 -4.12
N LEU A 11 5.81 4.43 -5.35
CA LEU A 11 6.74 3.35 -5.71
C LEU A 11 7.92 3.30 -4.74
N PHE A 12 8.35 4.48 -4.28
CA PHE A 12 9.47 4.57 -3.35
C PHE A 12 8.99 4.39 -1.91
N ARG A 13 7.78 4.87 -1.64
CA ARG A 13 7.20 4.77 -0.29
C ARG A 13 6.55 3.41 -0.09
N ILE A 14 7.30 2.35 -0.32
CA ILE A 14 6.78 1.00 -0.15
C ILE A 14 6.79 0.57 1.31
N GLY A 15 7.80 1.02 2.05
CA GLY A 15 7.90 0.68 3.45
C GLY A 15 6.84 1.35 4.29
N LEU A 16 6.39 2.53 3.85
CA LEU A 16 5.37 3.28 4.57
C LEU A 16 4.06 2.50 4.62
N CYS A 17 3.67 1.91 3.49
CA CYS A 17 2.44 1.14 3.41
C CYS A 17 2.73 -0.35 3.52
N GLY A 18 3.21 -0.76 4.69
CA GLY A 18 3.52 -2.16 4.92
C GLY A 18 3.08 -2.64 6.29
N ASP A 19 1.99 -2.08 6.79
CA ASP A 19 1.47 -2.45 8.11
C ASP A 19 0.31 -3.43 7.97
N LYS A 20 -0.54 -3.19 6.98
CA LYS A 20 -1.70 -4.04 6.75
C LYS A 20 -1.69 -4.60 5.33
N CYS A 21 -1.19 -3.79 4.39
CA CYS A 21 -1.12 -4.20 2.99
C CYS A 21 0.22 -3.81 2.38
N THR A 22 0.40 -4.15 1.10
CA THR A 22 1.63 -3.83 0.40
C THR A 22 1.41 -2.72 -0.63
N CYS A 23 2.43 -1.89 -0.82
CA CYS A 23 2.36 -0.79 -1.77
C CYS A 23 2.28 -1.31 -3.20
N VAL A 24 1.59 -0.58 -4.06
CA VAL A 24 1.44 -0.97 -5.46
C VAL A 24 2.38 -0.16 -6.35
N PRO A 25 2.74 -0.75 -7.51
CA PRO A 25 3.64 -0.10 -8.47
C PRO A 25 2.98 1.09 -9.17
N LEU A 26 1.67 1.19 -9.03
CA LEU A 26 0.92 2.29 -9.65
C LEU A 26 1.55 3.63 -9.30
N PRO A 27 2.08 4.32 -10.32
CA PRO A 27 2.70 5.63 -10.16
C PRO A 27 1.70 6.73 -9.81
N ILE A 28 0.42 6.42 -10.01
CA ILE A 28 -0.64 7.38 -9.71
C ILE A 28 -1.16 7.21 -8.29
N PHE A 29 -0.29 6.71 -7.41
CA PHE A 29 -0.67 6.50 -6.02
C PHE A 29 -1.74 5.42 -5.90
N GLY A 30 -1.51 4.29 -6.55
CA GLY A 30 -2.48 3.20 -6.50
C GLY A 30 -2.83 2.80 -5.09
N LEU A 31 -3.71 1.81 -4.96
CA LEU A 31 -4.14 1.33 -3.64
C LEU A 31 -3.35 0.09 -3.24
N CYS A 32 -2.84 0.10 -2.01
CA CYS A 32 -2.06 -1.04 -1.50
C CYS A 32 -2.89 -2.32 -1.56
N VAL A 33 -2.22 -3.42 -1.92
CA VAL A 33 -2.89 -4.72 -2.00
C VAL A 33 -2.44 -5.65 -0.88
N PRO A 34 -3.41 -6.31 -0.23
CA PRO A 34 -3.14 -7.23 0.87
C PRO A 34 -2.47 -8.51 0.40
N ASP A 35 -1.24 -8.74 0.86
CA ASP A 35 -0.48 -9.93 0.48
C ASP A 35 -0.97 -11.15 1.26
N VAL A 36 -1.86 -11.90 0.64
CA VAL A 36 -2.41 -13.10 1.27
C VAL A 36 -1.51 -14.31 1.03
#